data_1NU7
#
_entry.id   1NU7
#
_cell.length_a   180.170
_cell.length_b   102.000
_cell.length_c   135.300
_cell.angle_alpha   90.00
_cell.angle_beta   130.08
_cell.angle_gamma   90.00
#
_symmetry.space_group_name_H-M   'C 1 2 1'
#
loop_
_entity.id
_entity.type
_entity.pdbx_description
1 polymer 'Thrombin light chain'
2 polymer 'Thrombin heavy chain'
3 polymer Staphylocoagulase
4 non-polymer N-(sulfanylacetyl)-D-phenylalanyl-N-[(2S,3S)-6-{[amino(iminio)methyl]amino}-1-chloro-2-hydroxyhexan-3-yl]-L-prolinamide
5 non-polymer 'MERCURY (II) ION'
6 non-polymer IMIDAZOLE
7 water water
#
loop_
_entity_poly.entity_id
_entity_poly.type
_entity_poly.pdbx_seq_one_letter_code
_entity_poly.pdbx_strand_id
1 'polypeptide(L)' GEADCGLRPLFEKKSLEDKTERELLESY A,E
2 'polypeptide(L)'
;IVEGSDAEIGMSPWQVMLFRKSPQELLCGASLISDRWVLTAAHCLLYPPWDKNFTENDLLVRIGKHSRTRYERNIEKISM
LEKIYIHPRYNWRENLDRDIALMKLKKPVAFSDYIHPVCLPDRETAASLLQAGYKGRVTGWGNLKETWTANVGKGQPSVL
QVVNLPIVERPVCKDSTRIRITDNMFCAGYKPDEGKRGDACEGDSGGPFVMKSPFNNRWYQMGIVSWGEGCDRDGKYGFY
THVFRLKKWIQKVIDQFGE
;
B,F
3 'polypeptide(L)'
;MIVTKDYSKESRVNENSKYGTLISDWYLKGRLTSLESQFINALGILETYHYGEKEYKDAKDKLMTRILGEDQYLLERKKV
QYEEYKKLYKKYKEENPTSKVKMKTFDQYTIEDLTMREYNELTESLKSAVKDFEKDVEIIENQHHDLKPFTDEMEEKATA
RVDDLANKAYSVYFAFVRDTQHKTEALELKAKVDLVLGDEDKPHRISNERIEKEMIKDLESIIEDFFIETGLNKPDNITS
YDSSKHHYKNHSEGFEALVKETREAVTNANDSWKTKTVKKYG
;
D,H
#
# COMPACT_ATOMS: atom_id res chain seq x y z
N GLY A 1 -58.28 -12.43 -7.62
CA GLY A 1 -59.15 -13.55 -7.13
C GLY A 1 -58.59 -14.33 -5.94
N GLU A 2 -58.68 -13.73 -4.75
CA GLU A 2 -58.17 -14.35 -3.53
C GLU A 2 -59.08 -15.42 -2.93
N ALA A 3 -60.21 -15.72 -3.56
CA ALA A 3 -61.07 -16.75 -3.02
C ALA A 3 -60.36 -18.09 -3.21
N ASP A 4 -59.78 -18.26 -4.39
CA ASP A 4 -59.08 -19.47 -4.75
C ASP A 4 -57.57 -19.34 -4.48
N CYS A 5 -57.15 -18.29 -3.78
CA CYS A 5 -55.72 -18.07 -3.50
C CYS A 5 -55.02 -19.21 -2.79
N GLY A 6 -53.75 -19.38 -3.12
CA GLY A 6 -52.92 -20.37 -2.47
C GLY A 6 -53.08 -21.82 -2.83
N LEU A 7 -54.01 -22.11 -3.72
CA LEU A 7 -54.25 -23.47 -4.16
C LEU A 7 -53.68 -23.62 -5.58
N ARG A 8 -52.58 -24.35 -5.69
CA ARG A 8 -51.91 -24.50 -6.98
C ARG A 8 -52.57 -25.45 -7.97
N PRO A 9 -52.90 -24.95 -9.17
CA PRO A 9 -53.55 -25.75 -10.22
C PRO A 9 -52.86 -27.08 -10.48
N LEU A 10 -51.54 -27.09 -10.48
CA LEU A 10 -50.80 -28.32 -10.77
C LEU A 10 -50.47 -29.19 -9.56
N PHE A 11 -50.81 -28.74 -8.37
CA PHE A 11 -50.56 -29.52 -7.18
C PHE A 11 -51.83 -29.74 -6.36
N GLU A 12 -52.09 -28.86 -5.39
CA GLU A 12 -53.30 -29.00 -4.57
C GLU A 12 -54.54 -29.35 -5.37
N LYS A 13 -54.82 -28.65 -6.44
CA LYS A 13 -56.02 -28.94 -7.22
C LYS A 13 -56.02 -30.28 -7.96
N LYS A 14 -54.89 -30.96 -7.96
CA LYS A 14 -54.79 -32.26 -8.62
C LYS A 14 -54.38 -33.28 -7.57
N SER A 15 -54.47 -32.89 -6.31
CA SER A 15 -54.11 -33.77 -5.22
C SER A 15 -52.71 -34.34 -5.40
N LEU A 16 -51.82 -33.51 -5.92
CA LEU A 16 -50.42 -33.90 -6.11
C LEU A 16 -49.57 -33.09 -5.15
N GLU A 17 -48.55 -33.72 -4.57
CA GLU A 17 -47.67 -33.02 -3.67
C GLU A 17 -46.36 -32.73 -4.37
N ASP A 18 -45.63 -31.73 -3.89
CA ASP A 18 -44.35 -31.44 -4.49
C ASP A 18 -43.27 -32.14 -3.68
N LYS A 19 -42.08 -32.26 -4.26
CA LYS A 19 -40.97 -32.95 -3.62
C LYS A 19 -40.48 -32.57 -2.23
N THR A 20 -40.77 -31.38 -1.74
CA THR A 20 -40.25 -31.00 -0.41
C THR A 20 -41.31 -30.47 0.53
N GLU A 21 -42.51 -30.38 0.01
CA GLU A 21 -43.67 -29.91 0.75
C GLU A 21 -43.76 -30.60 2.13
N ARG A 22 -43.46 -31.89 2.14
CA ARG A 22 -43.54 -32.70 3.37
C ARG A 22 -42.58 -32.18 4.44
N GLU A 23 -41.40 -31.74 4.03
CA GLU A 23 -40.42 -31.18 4.95
C GLU A 23 -41.04 -30.03 5.76
N LEU A 24 -41.85 -29.20 5.12
CA LEU A 24 -42.48 -28.07 5.82
C LEU A 24 -43.46 -28.57 6.87
N LEU A 25 -44.38 -29.43 6.42
CA LEU A 25 -45.38 -30.00 7.31
C LEU A 25 -44.73 -30.60 8.56
N GLU A 26 -43.66 -31.36 8.38
CA GLU A 26 -43.00 -31.96 9.52
C GLU A 26 -42.36 -30.96 10.47
N SER A 27 -42.09 -29.75 9.97
CA SER A 27 -41.45 -28.75 10.83
C SER A 27 -42.44 -28.27 11.88
N TYR A 28 -43.72 -28.38 11.60
CA TYR A 28 -44.72 -27.95 12.57
C TYR A 28 -44.82 -28.91 13.77
N ILE B 1 -30.94 -17.77 -5.08
CA ILE B 1 -31.14 -18.75 -3.99
C ILE B 1 -29.89 -19.60 -3.84
N VAL B 2 -29.40 -19.75 -2.61
CA VAL B 2 -28.22 -20.53 -2.33
C VAL B 2 -28.59 -21.88 -1.73
N GLU B 3 -27.98 -22.94 -2.26
CA GLU B 3 -28.21 -24.29 -1.75
C GLU B 3 -29.64 -24.78 -1.88
N GLY B 4 -30.33 -24.35 -2.93
CA GLY B 4 -31.70 -24.79 -3.13
C GLY B 4 -31.71 -25.75 -4.31
N SER B 5 -32.84 -25.92 -4.96
CA SER B 5 -32.84 -26.80 -6.11
C SER B 5 -33.83 -26.31 -7.13
N ASP B 6 -33.78 -26.91 -8.32
CA ASP B 6 -34.69 -26.58 -9.40
C ASP B 6 -36.12 -26.81 -8.98
N ALA B 7 -36.98 -25.84 -9.26
CA ALA B 7 -38.37 -25.92 -8.94
C ALA B 7 -39.09 -26.86 -9.91
N GLU B 8 -40.19 -27.46 -9.45
CA GLU B 8 -40.99 -28.30 -10.33
C GLU B 8 -41.87 -27.28 -11.04
N ILE B 9 -42.23 -27.59 -12.27
CA ILE B 9 -43.09 -26.71 -13.05
C ILE B 9 -44.40 -26.36 -12.33
N GLY B 10 -44.68 -25.06 -12.22
CA GLY B 10 -45.90 -24.60 -11.60
C GLY B 10 -45.99 -24.76 -10.09
N MET B 11 -44.85 -25.01 -9.48
CA MET B 11 -44.72 -25.17 -8.03
C MET B 11 -44.85 -23.83 -7.28
N SER B 12 -44.72 -22.72 -8.01
CA SER B 12 -44.81 -21.41 -7.38
C SER B 12 -45.48 -20.53 -8.41
N PRO B 13 -46.74 -20.83 -8.75
CA PRO B 13 -47.49 -20.08 -9.75
C PRO B 13 -47.68 -18.61 -9.47
N TRP B 14 -47.41 -18.17 -8.25
CA TRP B 14 -47.54 -16.77 -7.92
C TRP B 14 -46.20 -16.03 -8.13
N GLN B 15 -45.16 -16.76 -8.54
CA GLN B 15 -43.85 -16.15 -8.73
C GLN B 15 -43.86 -15.03 -9.79
N VAL B 16 -43.25 -13.90 -9.46
CA VAL B 16 -43.22 -12.83 -10.45
C VAL B 16 -41.81 -12.34 -10.63
N MET B 17 -41.49 -11.94 -11.86
CA MET B 17 -40.17 -11.42 -12.20
C MET B 17 -40.26 -9.91 -12.43
N LEU B 18 -39.51 -9.10 -11.69
CA LEU B 18 -39.53 -7.67 -11.95
C LEU B 18 -38.38 -7.48 -12.92
N PHE B 19 -38.68 -6.93 -14.09
CA PHE B 19 -37.70 -6.80 -15.15
C PHE B 19 -37.46 -5.37 -15.64
N ARG B 20 -36.21 -4.95 -15.65
CA ARG B 20 -35.86 -3.63 -16.16
C ARG B 20 -35.85 -3.78 -17.67
N LYS B 21 -36.59 -2.92 -18.37
CA LYS B 21 -36.67 -3.01 -19.81
C LYS B 21 -35.39 -2.68 -20.56
N SER B 22 -34.67 -1.67 -20.07
CA SER B 22 -33.48 -1.24 -20.79
C SER B 22 -32.45 -0.46 -19.98
N PRO B 23 -31.22 -0.96 -19.87
CA PRO B 23 -30.75 -2.24 -20.44
C PRO B 23 -31.41 -3.44 -19.74
N GLN B 24 -31.88 -4.41 -20.53
CA GLN B 24 -32.54 -5.60 -19.99
C GLN B 24 -31.86 -6.16 -18.78
N GLU B 25 -32.62 -6.45 -17.75
CA GLU B 25 -32.03 -7.00 -16.55
C GLU B 25 -33.11 -7.55 -15.62
N LEU B 26 -32.88 -8.75 -15.12
CA LEU B 26 -33.79 -9.35 -14.17
C LEU B 26 -33.46 -8.59 -12.90
N LEU B 27 -34.38 -7.77 -12.39
CA LEU B 27 -34.05 -7.01 -11.18
C LEU B 27 -34.30 -7.69 -9.85
N CYS B 28 -35.46 -8.28 -9.68
CA CYS B 28 -35.85 -8.83 -8.38
C CYS B 28 -37.01 -9.80 -8.59
N GLY B 29 -37.43 -10.42 -7.49
CA GLY B 29 -38.58 -11.28 -7.54
C GLY B 29 -39.77 -10.42 -7.07
N ALA B 30 -40.94 -11.04 -7.06
CA ALA B 30 -42.15 -10.36 -6.64
C ALA B 30 -43.19 -11.49 -6.55
N SER B 31 -44.41 -11.15 -6.11
CA SER B 31 -45.45 -12.17 -5.99
C SER B 31 -46.80 -11.66 -6.45
N LEU B 32 -47.60 -12.56 -7.01
CA LEU B 32 -48.93 -12.21 -7.51
C LEU B 32 -49.91 -12.41 -6.34
N ILE B 33 -50.63 -11.36 -5.96
CA ILE B 33 -51.59 -11.48 -4.86
C ILE B 33 -53.04 -11.30 -5.33
N SER B 34 -53.21 -11.03 -6.61
CA SER B 34 -54.55 -10.94 -7.21
C SER B 34 -54.34 -10.74 -8.69
N ASP B 35 -55.41 -10.65 -9.45
CA ASP B 35 -55.27 -10.50 -10.89
C ASP B 35 -54.75 -9.13 -11.34
N ARG B 36 -54.62 -8.21 -10.38
CA ARG B 36 -54.18 -6.85 -10.65
C ARG B 36 -53.05 -6.34 -9.80
N TRP B 37 -52.72 -7.05 -8.73
CA TRP B 37 -51.67 -6.57 -7.85
C TRP B 37 -50.49 -7.49 -7.66
N VAL B 38 -49.33 -6.88 -7.56
CA VAL B 38 -48.09 -7.59 -7.37
C VAL B 38 -47.35 -6.94 -6.22
N LEU B 39 -46.84 -7.80 -5.35
CA LEU B 39 -46.14 -7.41 -4.16
C LEU B 39 -44.67 -7.62 -4.37
N THR B 40 -43.83 -6.71 -3.88
CA THR B 40 -42.40 -6.83 -4.01
C THR B 40 -41.72 -6.04 -2.88
N ALA B 41 -40.40 -5.97 -2.89
CA ALA B 41 -39.69 -5.20 -1.87
C ALA B 41 -39.52 -3.76 -2.37
N ALA B 42 -39.57 -2.81 -1.44
CA ALA B 42 -39.43 -1.40 -1.80
C ALA B 42 -38.04 -1.10 -2.38
N HIS B 43 -37.02 -1.66 -1.75
CA HIS B 43 -35.68 -1.38 -2.18
C HIS B 43 -35.35 -1.82 -3.60
N CYS B 44 -36.22 -2.60 -4.22
CA CYS B 44 -35.99 -3.06 -5.59
C CYS B 44 -36.38 -1.94 -6.54
N LEU B 45 -37.20 -1.03 -6.02
CA LEU B 45 -37.69 0.07 -6.83
C LEU B 45 -37.02 1.37 -6.44
N LEU B 46 -36.72 1.52 -5.15
CA LEU B 46 -36.13 2.74 -4.65
C LEU B 46 -35.05 2.50 -3.62
N TYR B 47 -33.83 2.90 -3.93
CA TYR B 47 -32.75 2.75 -2.97
C TYR B 47 -31.66 3.75 -3.33
N PRO B 48 -31.84 5.00 -2.89
CA PRO B 48 -30.88 6.08 -3.14
C PRO B 48 -29.40 5.74 -3.03
N PRO B 49 -28.99 4.99 -1.99
CA PRO B 49 -27.54 4.72 -1.94
C PRO B 49 -26.94 4.01 -3.15
N TRP B 50 -27.77 3.46 -4.01
CA TRP B 50 -27.28 2.77 -5.20
C TRP B 50 -27.87 3.45 -6.43
N ASP B 51 -28.28 4.71 -6.25
CA ASP B 51 -28.86 5.47 -7.35
C ASP B 51 -30.00 4.72 -8.03
N LYS B 52 -30.86 4.10 -7.23
CA LYS B 52 -31.97 3.34 -7.78
C LYS B 52 -33.30 4.03 -7.50
N ASN B 53 -34.07 4.27 -8.55
CA ASN B 53 -35.37 4.92 -8.41
C ASN B 53 -36.11 4.66 -9.69
N PHE B 54 -36.69 3.47 -9.82
CA PHE B 54 -37.40 3.11 -11.03
C PHE B 54 -38.84 3.59 -11.07
N THR B 55 -39.30 4.06 -12.22
CA THR B 55 -40.69 4.50 -12.31
C THR B 55 -41.44 3.43 -13.14
N GLU B 56 -42.76 3.56 -13.26
CA GLU B 56 -43.53 2.56 -13.99
C GLU B 56 -43.02 2.20 -15.37
N ASN B 57 -42.71 3.21 -16.18
CA ASN B 57 -42.25 2.98 -17.55
C ASN B 57 -40.89 2.29 -17.70
N ASP B 58 -40.10 2.23 -16.65
CA ASP B 58 -38.79 1.58 -16.74
C ASP B 58 -38.91 0.08 -16.60
N LEU B 59 -40.06 -0.39 -16.15
CA LEU B 59 -40.18 -1.80 -15.85
C LEU B 59 -41.30 -2.60 -16.45
N LEU B 60 -41.19 -3.91 -16.28
CA LEU B 60 -42.28 -4.77 -16.65
C LEU B 60 -42.26 -5.96 -15.72
N VAL B 61 -43.35 -6.72 -15.75
CA VAL B 61 -43.50 -7.85 -14.88
C VAL B 61 -43.67 -9.08 -15.75
N ARG B 62 -43.00 -10.17 -15.39
CA ARG B 62 -43.10 -11.41 -16.17
C ARG B 62 -43.65 -12.45 -15.19
N ILE B 63 -44.82 -12.96 -15.52
CA ILE B 63 -45.50 -13.90 -14.66
C ILE B 63 -45.63 -15.26 -15.32
N GLY B 64 -45.68 -16.29 -14.48
CA GLY B 64 -45.84 -17.66 -14.97
C GLY B 64 -44.58 -18.33 -15.49
N LYS B 65 -43.42 -17.78 -15.16
CA LYS B 65 -42.18 -18.34 -15.69
C LYS B 65 -41.52 -19.50 -14.96
N HIS B 66 -40.76 -20.29 -15.72
CA HIS B 66 -40.04 -21.42 -15.13
C HIS B 66 -38.58 -21.16 -15.43
N SER B 67 -38.25 -21.10 -16.71
CA SER B 67 -36.87 -20.82 -17.10
C SER B 67 -36.68 -19.33 -17.39
N ARG B 68 -35.62 -18.78 -16.86
CA ARG B 68 -35.28 -17.37 -17.05
C ARG B 68 -34.67 -17.05 -18.43
N THR B 69 -33.95 -18.01 -19.01
CA THR B 69 -33.21 -17.81 -20.25
C THR B 69 -33.95 -17.66 -21.57
N ARG B 70 -35.25 -17.92 -21.58
CA ARG B 70 -36.00 -17.78 -22.80
C ARG B 70 -37.37 -17.29 -22.51
N TYR B 71 -38.02 -16.72 -23.53
CA TYR B 71 -39.39 -16.28 -23.44
C TYR B 71 -40.18 -17.59 -23.53
N GLU B 72 -41.13 -17.84 -22.62
CA GLU B 72 -41.93 -19.10 -22.66
C GLU B 72 -43.36 -18.71 -23.07
N ARG B 73 -43.59 -18.68 -24.39
CA ARG B 73 -44.85 -18.21 -24.91
C ARG B 73 -46.17 -18.89 -24.52
N ASN B 74 -46.15 -20.16 -24.13
CA ASN B 74 -47.43 -20.78 -23.79
C ASN B 74 -47.86 -20.55 -22.35
N ILE B 75 -46.93 -20.21 -21.48
CA ILE B 75 -47.23 -20.02 -20.07
C ILE B 75 -46.96 -18.61 -19.50
N GLU B 76 -45.98 -17.92 -20.07
CA GLU B 76 -45.58 -16.59 -19.62
C GLU B 76 -46.57 -15.46 -19.92
N LYS B 77 -46.66 -14.50 -19.00
CA LYS B 77 -47.50 -13.32 -19.20
C LYS B 77 -46.67 -12.09 -18.83
N ILE B 78 -46.65 -11.14 -19.73
CA ILE B 78 -45.90 -9.93 -19.50
C ILE B 78 -46.86 -8.78 -19.23
N SER B 79 -46.64 -8.08 -18.13
CA SER B 79 -47.51 -6.98 -17.78
C SER B 79 -46.87 -5.64 -17.59
N MET B 80 -47.56 -4.66 -18.14
CA MET B 80 -47.17 -3.27 -18.05
C MET B 80 -47.64 -2.82 -16.67
N LEU B 81 -46.86 -1.97 -16.03
CA LEU B 81 -47.23 -1.45 -14.73
C LEU B 81 -48.01 -0.16 -14.88
N GLU B 82 -49.11 -0.05 -14.16
CA GLU B 82 -49.90 1.16 -14.18
C GLU B 82 -49.44 2.11 -13.09
N LYS B 83 -48.99 1.57 -11.97
CA LYS B 83 -48.59 2.42 -10.85
C LYS B 83 -47.88 1.66 -9.76
N ILE B 84 -46.84 2.28 -9.22
CA ILE B 84 -46.05 1.70 -8.15
C ILE B 84 -46.33 2.48 -6.87
N TYR B 85 -46.43 1.76 -5.75
CA TYR B 85 -46.70 2.34 -4.45
C TYR B 85 -45.67 1.86 -3.43
N ILE B 86 -44.70 2.72 -3.10
CA ILE B 86 -43.70 2.35 -2.12
C ILE B 86 -44.30 2.70 -0.77
N HIS B 87 -43.98 1.92 0.25
CA HIS B 87 -44.50 2.24 1.57
C HIS B 87 -43.96 3.63 1.98
N PRO B 88 -44.85 4.55 2.36
CA PRO B 88 -44.36 5.88 2.75
C PRO B 88 -43.39 5.90 3.90
N ARG B 89 -43.44 4.90 4.76
CA ARG B 89 -42.49 4.92 5.86
C ARG B 89 -41.40 3.86 5.69
N TYR B 90 -41.06 3.60 4.43
CA TYR B 90 -40.01 2.65 4.06
C TYR B 90 -38.73 3.35 4.48
N ASN B 91 -38.02 2.75 5.43
CA ASN B 91 -36.82 3.34 5.97
C ASN B 91 -35.55 2.85 5.29
N TRP B 92 -35.28 3.35 4.09
CA TRP B 92 -34.08 2.95 3.36
C TRP B 92 -32.75 3.44 3.93
N ARG B 93 -32.72 4.65 4.48
CA ARG B 93 -31.44 5.13 4.98
C ARG B 93 -30.95 4.35 6.20
N GLU B 94 -31.82 3.63 6.89
CA GLU B 94 -31.32 2.93 8.07
C GLU B 94 -31.26 1.40 8.17
N ASN B 95 -32.39 0.71 7.98
CA ASN B 95 -32.42 -0.74 8.16
C ASN B 95 -33.46 -1.44 7.29
N LEU B 96 -33.86 -0.80 6.21
CA LEU B 96 -34.89 -1.32 5.33
C LEU B 96 -36.19 -1.66 6.04
N ASP B 97 -36.46 -0.99 7.16
CA ASP B 97 -37.74 -1.21 7.85
C ASP B 97 -38.85 -0.93 6.85
N ARG B 98 -39.85 -1.80 6.80
CA ARG B 98 -40.98 -1.67 5.89
C ARG B 98 -40.56 -1.72 4.43
N ASP B 99 -39.70 -2.69 4.11
CA ASP B 99 -39.22 -2.89 2.75
C ASP B 99 -40.32 -3.55 1.93
N ILE B 100 -41.27 -2.76 1.46
CA ILE B 100 -42.38 -3.34 0.74
C ILE B 100 -42.99 -2.34 -0.23
N ALA B 101 -43.49 -2.85 -1.33
CA ALA B 101 -44.12 -2.01 -2.32
C ALA B 101 -45.16 -2.81 -3.08
N LEU B 102 -46.10 -2.09 -3.67
CA LEU B 102 -47.14 -2.72 -4.46
C LEU B 102 -47.05 -2.17 -5.86
N MET B 103 -47.44 -2.98 -6.82
CA MET B 103 -47.42 -2.56 -8.22
C MET B 103 -48.74 -3.01 -8.78
N LYS B 104 -49.46 -2.05 -9.35
CA LYS B 104 -50.76 -2.30 -9.92
C LYS B 104 -50.58 -2.52 -11.42
N LEU B 105 -51.09 -3.64 -11.94
CA LEU B 105 -50.96 -3.92 -13.36
C LEU B 105 -51.98 -3.06 -14.13
N LYS B 106 -51.66 -2.69 -15.37
CA LYS B 106 -52.57 -1.87 -16.14
C LYS B 106 -53.83 -2.64 -16.48
N LYS B 107 -53.69 -3.96 -16.60
CA LYS B 107 -54.82 -4.81 -16.95
C LYS B 107 -54.81 -6.02 -16.03
N PRO B 108 -55.99 -6.61 -15.76
CA PRO B 108 -55.90 -7.79 -14.88
C PRO B 108 -55.27 -8.93 -15.70
N VAL B 109 -54.50 -9.81 -15.07
CA VAL B 109 -53.91 -10.94 -15.81
C VAL B 109 -54.80 -12.14 -15.59
N ALA B 110 -54.95 -12.98 -16.62
CA ALA B 110 -55.79 -14.16 -16.47
C ALA B 110 -54.99 -15.22 -15.73
N PHE B 111 -55.67 -16.05 -14.94
CA PHE B 111 -54.98 -17.11 -14.22
C PHE B 111 -54.88 -18.35 -15.11
N SER B 112 -54.02 -19.28 -14.74
CA SER B 112 -53.88 -20.49 -15.54
C SER B 112 -53.17 -21.50 -14.65
N ASP B 113 -52.74 -22.62 -15.21
CA ASP B 113 -52.05 -23.61 -14.42
C ASP B 113 -50.73 -23.08 -13.90
N TYR B 114 -50.21 -22.04 -14.56
CA TYR B 114 -48.90 -21.49 -14.22
C TYR B 114 -48.91 -20.14 -13.54
N ILE B 115 -50.07 -19.51 -13.52
CA ILE B 115 -50.22 -18.20 -12.93
C ILE B 115 -51.41 -18.26 -11.99
N HIS B 116 -51.12 -18.09 -10.70
CA HIS B 116 -52.14 -18.18 -9.67
C HIS B 116 -51.66 -17.39 -8.47
N PRO B 117 -52.55 -16.66 -7.81
CA PRO B 117 -52.15 -15.85 -6.65
C PRO B 117 -51.95 -16.60 -5.32
N VAL B 118 -51.02 -16.12 -4.52
CA VAL B 118 -50.75 -16.70 -3.20
C VAL B 118 -51.71 -15.99 -2.20
N CYS B 119 -51.89 -16.53 -1.00
CA CYS B 119 -52.76 -15.88 0.00
C CYS B 119 -51.94 -15.02 0.94
N LEU B 120 -52.54 -13.95 1.48
CA LEU B 120 -51.81 -13.15 2.45
C LEU B 120 -52.34 -13.60 3.81
N PRO B 121 -51.49 -13.75 4.81
CA PRO B 121 -51.98 -14.19 6.11
C PRO B 121 -52.78 -13.16 6.93
N ASP B 122 -53.63 -13.66 7.82
CA ASP B 122 -54.37 -12.79 8.71
C ASP B 122 -53.62 -12.90 10.02
N ARG B 123 -54.09 -12.17 11.02
CA ARG B 123 -53.45 -12.13 12.32
C ARG B 123 -53.12 -13.47 12.97
N GLU B 124 -54.07 -14.41 12.96
CA GLU B 124 -53.80 -15.67 13.59
C GLU B 124 -52.81 -16.54 12.81
N THR B 125 -52.99 -16.58 11.49
CA THR B 125 -52.10 -17.36 10.64
C THR B 125 -50.67 -16.91 10.95
N ALA B 126 -50.48 -15.59 11.04
CA ALA B 126 -49.17 -15.06 11.36
C ALA B 126 -48.75 -15.56 12.73
N ALA B 127 -49.66 -15.39 13.70
CA ALA B 127 -49.43 -15.82 15.07
C ALA B 127 -49.10 -17.32 15.18
N SER B 128 -49.88 -18.18 14.53
CA SER B 128 -49.58 -19.60 14.64
C SER B 128 -48.44 -20.19 13.78
N LEU B 129 -48.25 -19.67 12.58
CA LEU B 129 -47.21 -20.19 11.69
C LEU B 129 -45.82 -19.57 11.89
N LEU B 130 -45.76 -18.33 12.35
CA LEU B 130 -44.45 -17.72 12.53
C LEU B 130 -43.79 -18.11 13.81
N GLN B 131 -43.41 -19.38 13.92
CA GLN B 131 -42.73 -19.84 15.11
C GLN B 131 -41.36 -20.40 14.77
N ALA B 132 -40.44 -20.24 15.71
CA ALA B 132 -39.09 -20.70 15.57
C ALA B 132 -39.07 -22.19 15.22
N GLY B 133 -38.33 -22.58 14.19
CA GLY B 133 -38.24 -23.98 13.82
C GLY B 133 -39.16 -24.33 12.67
N TYR B 134 -40.30 -23.65 12.60
CA TYR B 134 -41.23 -23.87 11.51
C TYR B 134 -40.51 -23.41 10.24
N LYS B 135 -40.69 -24.16 9.15
CA LYS B 135 -40.05 -23.85 7.90
C LYS B 135 -40.93 -23.21 6.85
N GLY B 136 -40.35 -22.30 6.10
CA GLY B 136 -41.08 -21.69 5.02
C GLY B 136 -40.28 -21.97 3.75
N ARG B 137 -40.82 -21.57 2.62
CA ARG B 137 -40.13 -21.76 1.37
C ARG B 137 -39.88 -20.41 0.66
N VAL B 138 -38.67 -20.26 0.12
CA VAL B 138 -38.23 -19.08 -0.63
C VAL B 138 -37.83 -19.49 -2.04
N THR B 139 -38.29 -18.73 -3.03
CA THR B 139 -38.02 -19.00 -4.42
C THR B 139 -37.46 -17.78 -5.14
N GLY B 140 -36.77 -18.04 -6.24
CA GLY B 140 -36.21 -16.94 -7.01
C GLY B 140 -35.14 -17.36 -7.99
N TRP B 141 -34.81 -16.41 -8.84
CA TRP B 141 -33.80 -16.56 -9.85
C TRP B 141 -32.52 -15.80 -9.46
N GLY B 142 -32.42 -15.40 -8.20
CA GLY B 142 -31.24 -14.68 -7.75
C GLY B 142 -29.95 -15.50 -7.82
N ASN B 143 -28.86 -14.92 -7.33
CA ASN B 143 -27.56 -15.56 -7.36
C ASN B 143 -27.50 -16.87 -6.57
N LEU B 144 -26.70 -17.80 -7.07
CA LEU B 144 -26.55 -19.12 -6.45
C LEU B 144 -25.59 -19.12 -5.28
N LYS B 145 -24.80 -18.06 -5.13
CA LYS B 145 -23.81 -18.05 -4.07
C LYS B 145 -23.26 -16.65 -3.84
N GLU B 146 -22.67 -16.44 -2.68
CA GLU B 146 -22.02 -15.17 -2.38
C GLU B 146 -20.70 -15.39 -3.12
N THR B 147 -20.15 -14.33 -3.70
CA THR B 147 -18.92 -14.43 -4.45
C THR B 147 -17.80 -13.72 -3.71
N TRP B 148 -16.54 -14.00 -4.06
CA TRP B 148 -15.44 -13.40 -3.32
C TRP B 148 -15.24 -11.91 -3.56
N THR B 149 -15.78 -11.41 -4.65
CA THR B 149 -15.69 -9.98 -4.93
C THR B 149 -17.02 -9.55 -5.54
N ALA B 150 -17.49 -8.35 -5.18
CA ALA B 150 -18.76 -7.86 -5.71
C ALA B 150 -18.70 -7.87 -7.22
N ASN B 151 -17.51 -7.60 -7.76
CA ASN B 151 -17.36 -7.58 -9.20
C ASN B 151 -17.46 -8.92 -9.88
N VAL B 152 -17.18 -10.02 -9.17
CA VAL B 152 -17.27 -11.35 -9.79
C VAL B 152 -18.58 -11.38 -10.53
N GLY B 153 -19.57 -10.68 -10.00
CA GLY B 153 -20.84 -10.61 -10.70
C GLY B 153 -21.93 -11.57 -10.29
N LYS B 154 -22.76 -11.93 -11.27
CA LYS B 154 -23.90 -12.79 -11.05
C LYS B 154 -23.83 -14.23 -11.58
N GLY B 155 -24.06 -15.17 -10.68
CA GLY B 155 -24.09 -16.59 -11.05
C GLY B 155 -25.54 -17.00 -10.88
N GLN B 156 -26.35 -16.74 -11.91
CA GLN B 156 -27.78 -17.04 -11.86
C GLN B 156 -28.17 -18.32 -12.55
N PRO B 157 -29.20 -19.00 -12.00
CA PRO B 157 -29.73 -20.26 -12.52
C PRO B 157 -30.61 -19.97 -13.72
N SER B 158 -31.02 -21.01 -14.42
CA SER B 158 -31.92 -20.79 -15.56
C SER B 158 -33.32 -21.11 -15.10
N VAL B 159 -33.42 -22.10 -14.23
CA VAL B 159 -34.70 -22.53 -13.71
C VAL B 159 -34.91 -21.97 -12.30
N LEU B 160 -36.14 -21.60 -12.01
CA LEU B 160 -36.54 -21.08 -10.69
C LEU B 160 -35.98 -21.96 -9.60
N GLN B 161 -35.33 -21.36 -8.60
CA GLN B 161 -34.73 -22.08 -7.50
C GLN B 161 -35.64 -22.04 -6.27
N VAL B 162 -35.60 -23.11 -5.46
CA VAL B 162 -36.42 -23.23 -4.27
C VAL B 162 -35.56 -23.72 -3.13
N VAL B 163 -35.84 -23.23 -1.94
CA VAL B 163 -35.12 -23.67 -0.75
C VAL B 163 -36.10 -23.52 0.42
N ASN B 164 -36.06 -24.47 1.36
CA ASN B 164 -36.94 -24.42 2.53
C ASN B 164 -36.06 -24.03 3.70
N LEU B 165 -36.55 -23.12 4.55
CA LEU B 165 -35.75 -22.65 5.68
C LEU B 165 -36.56 -22.46 6.94
N PRO B 166 -35.93 -22.67 8.09
CA PRO B 166 -36.61 -22.50 9.38
C PRO B 166 -36.57 -21.05 9.90
N ILE B 167 -37.69 -20.63 10.48
CA ILE B 167 -37.76 -19.32 11.09
C ILE B 167 -36.90 -19.40 12.34
N VAL B 168 -36.09 -18.39 12.61
CA VAL B 168 -35.28 -18.45 13.82
C VAL B 168 -35.80 -17.49 14.90
N GLU B 169 -35.54 -17.81 16.16
CA GLU B 169 -36.03 -17.03 17.28
C GLU B 169 -35.45 -15.61 17.27
N ARG B 170 -36.30 -14.62 17.58
CA ARG B 170 -35.90 -13.22 17.56
C ARG B 170 -34.63 -12.86 18.31
N PRO B 171 -34.40 -13.45 19.49
CA PRO B 171 -33.16 -13.07 20.15
C PRO B 171 -31.94 -13.42 19.28
N VAL B 172 -32.02 -14.54 18.56
CA VAL B 172 -30.91 -14.95 17.71
C VAL B 172 -30.79 -14.04 16.49
N CYS B 173 -31.91 -13.68 15.88
CA CYS B 173 -31.91 -12.77 14.73
C CYS B 173 -31.25 -11.47 15.14
N LYS B 174 -31.65 -10.97 16.30
CA LYS B 174 -31.13 -9.71 16.80
C LYS B 174 -29.63 -9.73 17.06
N ASP B 175 -29.17 -10.76 17.72
CA ASP B 175 -27.76 -10.85 18.05
C ASP B 175 -26.86 -11.16 16.86
N SER B 176 -27.47 -11.57 15.75
CA SER B 176 -26.72 -11.94 14.58
C SER B 176 -26.22 -10.79 13.72
N THR B 177 -26.82 -9.62 13.86
CA THR B 177 -26.45 -8.48 13.02
C THR B 177 -26.37 -7.21 13.82
N ARG B 178 -25.66 -6.21 13.31
CA ARG B 178 -25.58 -4.97 14.05
C ARG B 178 -26.61 -4.02 13.49
N ILE B 179 -27.28 -4.43 12.42
CA ILE B 179 -28.32 -3.62 11.83
C ILE B 179 -29.47 -3.64 12.86
N ARG B 180 -30.19 -2.54 13.00
CA ARG B 180 -31.29 -2.50 13.95
C ARG B 180 -32.49 -3.23 13.39
N ILE B 181 -32.84 -4.39 13.95
CA ILE B 181 -34.00 -5.09 13.42
C ILE B 181 -35.30 -4.57 14.05
N THR B 182 -36.41 -4.70 13.35
CA THR B 182 -37.69 -4.22 13.88
C THR B 182 -38.73 -5.34 13.81
N ASP B 183 -39.88 -5.07 14.40
CA ASP B 183 -40.99 -5.99 14.43
C ASP B 183 -41.56 -6.18 13.05
N ASN B 184 -41.18 -5.34 12.08
CA ASN B 184 -41.68 -5.50 10.73
C ASN B 184 -40.81 -6.45 9.86
N MET B 185 -39.90 -7.15 10.52
CA MET B 185 -39.10 -8.13 9.81
C MET B 185 -38.94 -9.41 10.64
N PHE B 186 -38.58 -10.51 10.00
CA PHE B 186 -38.29 -11.73 10.75
C PHE B 186 -37.14 -12.38 9.98
N CYS B 187 -36.37 -13.21 10.64
CA CYS B 187 -35.30 -13.84 9.92
C CYS B 187 -35.47 -15.37 9.81
N ALA B 188 -34.81 -15.97 8.83
CA ALA B 188 -34.92 -17.41 8.63
C ALA B 188 -33.59 -17.99 8.14
N GLY B 189 -33.33 -19.25 8.50
CA GLY B 189 -32.09 -19.88 8.09
C GLY B 189 -31.61 -20.89 9.13
N TYR B 190 -30.71 -21.79 8.72
CA TYR B 190 -30.18 -22.80 9.65
C TYR B 190 -29.07 -22.24 10.49
N LYS B 191 -29.00 -22.71 11.73
CA LYS B 191 -27.96 -22.28 12.66
C LYS B 191 -26.67 -22.98 12.29
N PRO B 192 -25.53 -22.43 12.74
CA PRO B 192 -24.24 -23.04 12.44
C PRO B 192 -24.24 -24.55 12.62
N ASP B 193 -24.69 -25.04 13.78
CA ASP B 193 -24.68 -26.49 13.93
C ASP B 193 -25.96 -27.26 13.62
N GLU B 194 -26.69 -26.83 12.59
CA GLU B 194 -27.89 -27.56 12.23
C GLU B 194 -27.55 -28.38 11.00
N GLY B 195 -26.37 -28.14 10.47
CA GLY B 195 -25.94 -28.91 9.32
C GLY B 195 -26.42 -28.39 7.98
N LYS B 196 -27.73 -28.43 7.75
CA LYS B 196 -28.26 -27.94 6.49
C LYS B 196 -27.84 -26.49 6.33
N ARG B 197 -27.88 -26.00 5.09
CA ARG B 197 -27.52 -24.63 4.74
C ARG B 197 -28.61 -24.10 3.81
N GLY B 198 -28.41 -22.91 3.27
CA GLY B 198 -29.40 -22.34 2.36
C GLY B 198 -29.80 -20.93 2.77
N ASP B 199 -30.12 -20.09 1.78
CA ASP B 199 -30.48 -18.71 2.06
C ASP B 199 -30.91 -18.08 0.73
N ALA B 200 -31.46 -16.88 0.82
CA ALA B 200 -31.84 -16.15 -0.36
C ALA B 200 -30.56 -15.33 -0.65
N CYS B 201 -30.53 -14.59 -1.75
CA CYS B 201 -29.32 -13.85 -2.11
C CYS B 201 -29.66 -12.68 -3.04
N GLU B 202 -28.63 -11.97 -3.47
CA GLU B 202 -28.78 -10.83 -4.39
C GLU B 202 -29.68 -11.29 -5.51
N GLY B 203 -30.66 -10.47 -5.89
CA GLY B 203 -31.57 -10.84 -6.96
C GLY B 203 -32.83 -11.55 -6.49
N ASP B 204 -32.79 -12.10 -5.29
CA ASP B 204 -33.98 -12.77 -4.76
C ASP B 204 -34.97 -11.79 -4.10
N SER B 205 -34.46 -10.62 -3.69
CA SER B 205 -35.29 -9.57 -3.07
C SER B 205 -36.66 -9.44 -3.72
N GLY B 206 -37.67 -9.34 -2.87
CA GLY B 206 -39.03 -9.21 -3.37
C GLY B 206 -39.73 -10.53 -3.52
N GLY B 207 -38.97 -11.63 -3.52
CA GLY B 207 -39.60 -12.92 -3.68
C GLY B 207 -40.35 -13.31 -2.42
N PRO B 208 -41.31 -14.25 -2.51
CA PRO B 208 -42.06 -14.66 -1.33
C PRO B 208 -41.44 -15.76 -0.50
N PHE B 209 -41.67 -15.67 0.81
CA PHE B 209 -41.27 -16.68 1.78
C PHE B 209 -42.68 -17.16 2.10
N VAL B 210 -43.07 -18.28 1.49
CA VAL B 210 -44.41 -18.83 1.70
C VAL B 210 -44.44 -19.99 2.69
N MET B 211 -45.62 -20.24 3.24
CA MET B 211 -45.83 -21.34 4.17
C MET B 211 -47.16 -21.99 3.84
N LYS B 212 -47.17 -23.33 3.92
CA LYS B 212 -48.39 -24.06 3.64
C LYS B 212 -49.11 -24.28 4.97
N SER B 213 -50.37 -23.89 5.02
CA SER B 213 -51.13 -24.06 6.24
C SER B 213 -51.61 -25.49 6.40
N PRO B 214 -51.40 -26.07 7.59
CA PRO B 214 -51.84 -27.44 7.85
C PRO B 214 -53.36 -27.49 8.05
N PHE B 215 -53.98 -26.34 8.25
CA PHE B 215 -55.43 -26.27 8.46
C PHE B 215 -56.27 -26.24 7.19
N ASN B 216 -55.92 -25.40 6.21
CA ASN B 216 -56.72 -25.39 4.98
C ASN B 216 -55.86 -25.73 3.77
N ASN B 217 -54.64 -26.14 4.07
CA ASN B 217 -53.59 -26.48 3.11
C ASN B 217 -53.42 -25.50 1.91
N ARG B 218 -53.55 -24.22 2.22
CA ARG B 218 -53.35 -23.17 1.25
C ARG B 218 -51.95 -22.59 1.51
N TRP B 219 -51.40 -21.92 0.51
CA TRP B 219 -50.09 -21.32 0.69
C TRP B 219 -50.22 -19.85 1.06
N TYR B 220 -49.53 -19.49 2.13
CA TYR B 220 -49.56 -18.12 2.60
C TYR B 220 -48.21 -17.41 2.47
N GLN B 221 -48.23 -16.19 1.97
CA GLN B 221 -46.98 -15.46 1.88
C GLN B 221 -46.79 -14.72 3.17
N MET B 222 -45.86 -15.19 3.99
CA MET B 222 -45.57 -14.62 5.28
C MET B 222 -44.47 -13.55 5.20
N GLY B 223 -43.58 -13.70 4.22
CA GLY B 223 -42.48 -12.77 4.09
C GLY B 223 -42.13 -12.37 2.67
N ILE B 224 -41.22 -11.40 2.59
CA ILE B 224 -40.70 -10.88 1.33
C ILE B 224 -39.20 -10.80 1.52
N VAL B 225 -38.44 -11.47 0.67
CA VAL B 225 -36.98 -11.45 0.76
C VAL B 225 -36.56 -9.97 0.79
N SER B 226 -35.89 -9.57 1.85
CA SER B 226 -35.53 -8.16 2.01
C SER B 226 -34.05 -7.88 2.08
N TRP B 227 -33.38 -8.45 3.07
CA TRP B 227 -31.97 -8.19 3.18
C TRP B 227 -31.19 -9.28 3.90
N GLY B 228 -29.87 -9.12 3.90
CA GLY B 228 -28.96 -10.06 4.54
C GLY B 228 -27.52 -9.60 4.38
N GLU B 229 -26.63 -10.16 5.17
CA GLU B 229 -25.24 -9.79 5.08
C GLU B 229 -24.53 -10.99 4.45
N GLY B 230 -24.09 -10.81 3.21
CA GLY B 230 -23.49 -11.91 2.47
C GLY B 230 -24.65 -12.84 2.15
N CYS B 231 -24.36 -14.09 1.79
CA CYS B 231 -25.39 -15.10 1.49
C CYS B 231 -24.92 -16.40 2.11
N ASP B 232 -25.79 -17.06 2.84
CA ASP B 232 -25.48 -18.33 3.48
C ASP B 232 -24.23 -18.36 4.34
N ARG B 233 -23.94 -17.26 5.04
CA ARG B 233 -22.80 -17.17 5.95
C ARG B 233 -23.18 -17.78 7.29
N ASP B 234 -22.26 -18.48 7.95
CA ASP B 234 -22.57 -19.09 9.26
C ASP B 234 -22.82 -18.07 10.36
N GLY B 235 -23.93 -18.24 11.09
CA GLY B 235 -24.29 -17.34 12.18
C GLY B 235 -24.95 -16.07 11.64
N LYS B 236 -25.32 -16.15 10.36
CA LYS B 236 -25.97 -15.05 9.67
C LYS B 236 -27.29 -15.58 9.16
N TYR B 237 -28.30 -14.72 9.08
CA TYR B 237 -29.61 -15.17 8.65
C TYR B 237 -30.23 -14.18 7.66
N GLY B 238 -31.05 -14.70 6.76
CA GLY B 238 -31.72 -13.85 5.80
C GLY B 238 -32.87 -13.12 6.51
N PHE B 239 -33.19 -11.91 6.04
CA PHE B 239 -34.26 -11.16 6.65
C PHE B 239 -35.37 -10.94 5.67
N TYR B 240 -36.58 -11.02 6.21
CA TYR B 240 -37.76 -10.90 5.40
C TYR B 240 -38.70 -9.84 5.95
N THR B 241 -39.36 -9.13 5.05
CA THR B 241 -40.36 -8.14 5.41
C THR B 241 -41.58 -8.94 5.89
N HIS B 242 -41.99 -8.72 7.13
CA HIS B 242 -43.12 -9.39 7.77
C HIS B 242 -44.42 -8.87 7.14
N VAL B 243 -45.04 -9.70 6.32
CA VAL B 243 -46.24 -9.31 5.58
C VAL B 243 -47.51 -8.97 6.35
N PHE B 244 -47.83 -9.78 7.37
CA PHE B 244 -49.04 -9.51 8.13
C PHE B 244 -48.89 -8.14 8.82
N ARG B 245 -47.70 -7.88 9.30
CA ARG B 245 -47.40 -6.64 9.96
C ARG B 245 -47.66 -5.41 9.10
N LEU B 246 -47.57 -5.56 7.79
CA LEU B 246 -47.77 -4.44 6.87
C LEU B 246 -49.06 -4.59 6.08
N LYS B 247 -49.93 -5.48 6.54
CA LYS B 247 -51.16 -5.73 5.85
C LYS B 247 -52.19 -4.61 5.83
N LYS B 248 -52.22 -3.75 6.84
CA LYS B 248 -53.21 -2.67 6.81
C LYS B 248 -52.81 -1.72 5.69
N TRP B 249 -51.51 -1.47 5.56
CA TRP B 249 -51.08 -0.61 4.46
C TRP B 249 -51.48 -1.26 3.12
N ILE B 250 -51.15 -2.54 2.93
CA ILE B 250 -51.52 -3.22 1.68
C ILE B 250 -53.01 -3.06 1.33
N GLN B 251 -53.88 -3.34 2.30
CA GLN B 251 -55.32 -3.22 2.09
C GLN B 251 -55.77 -1.80 1.79
N LYS B 252 -55.22 -0.81 2.49
CA LYS B 252 -55.58 0.59 2.21
C LYS B 252 -55.23 0.87 0.76
N VAL B 253 -54.02 0.51 0.34
CA VAL B 253 -53.63 0.75 -1.05
C VAL B 253 -54.60 0.06 -2.02
N ILE B 254 -54.82 -1.24 -1.85
CA ILE B 254 -55.72 -1.91 -2.77
C ILE B 254 -57.17 -1.41 -2.76
N ASP B 255 -57.65 -0.98 -1.60
CA ASP B 255 -59.02 -0.50 -1.51
C ASP B 255 -59.19 0.91 -2.02
N GLN B 256 -58.14 1.71 -1.91
CA GLN B 256 -58.19 3.08 -2.38
C GLN B 256 -57.94 3.17 -3.88
N PHE B 257 -56.95 2.41 -4.35
CA PHE B 257 -56.60 2.41 -5.76
C PHE B 257 -57.06 1.20 -6.55
N GLY B 258 -57.09 1.33 -7.88
CA GLY B 258 -57.53 0.24 -8.72
C GLY B 258 -58.67 -0.59 -8.16
N MET C 1 -15.96 -22.28 16.42
CA MET C 1 -16.05 -22.86 17.78
C MET C 1 -14.76 -23.63 18.05
N ILE C 2 -14.85 -24.95 18.07
CA ILE C 2 -13.66 -25.73 18.28
C ILE C 2 -12.77 -25.59 17.02
N VAL C 3 -13.07 -24.55 16.21
CA VAL C 3 -12.26 -24.18 15.04
C VAL C 3 -12.58 -24.41 13.56
N THR C 4 -13.34 -25.43 13.19
CA THR C 4 -13.63 -25.61 11.77
C THR C 4 -12.30 -25.84 11.02
N LYS C 5 -12.14 -27.00 10.39
CA LYS C 5 -10.87 -27.30 9.71
C LYS C 5 -10.76 -27.13 8.20
N ASP C 6 -11.51 -27.97 7.47
CA ASP C 6 -11.46 -28.00 6.01
C ASP C 6 -12.13 -26.93 5.15
N TYR C 7 -11.64 -26.89 3.90
CA TYR C 7 -12.15 -26.00 2.85
C TYR C 7 -13.10 -26.88 2.04
N SER C 8 -13.90 -26.25 1.18
CA SER C 8 -14.82 -27.02 0.32
C SER C 8 -13.98 -27.78 -0.69
N LYS C 9 -14.42 -28.96 -1.08
CA LYS C 9 -13.64 -29.79 -1.99
C LYS C 9 -13.85 -29.60 -3.49
N GLU C 10 -14.75 -28.72 -3.89
CA GLU C 10 -14.98 -28.56 -5.32
C GLU C 10 -13.81 -27.87 -6.03
N SER C 11 -12.94 -27.20 -5.31
CA SER C 11 -11.83 -26.49 -5.93
C SER C 11 -10.67 -27.40 -6.32
N ARG C 12 -10.06 -27.11 -7.47
CA ARG C 12 -8.92 -27.88 -7.91
C ARG C 12 -7.62 -27.30 -7.35
N VAL C 13 -7.69 -26.33 -6.45
CA VAL C 13 -6.42 -25.80 -5.95
C VAL C 13 -5.83 -26.80 -4.97
N ASN C 14 -4.53 -27.04 -5.06
CA ASN C 14 -3.90 -27.96 -4.13
C ASN C 14 -3.82 -27.42 -2.73
N GLU C 15 -4.33 -28.21 -1.81
CA GLU C 15 -4.36 -27.93 -0.39
C GLU C 15 -3.13 -27.21 0.15
N ASN C 16 -1.93 -27.63 -0.27
CA ASN C 16 -0.73 -27.02 0.25
C ASN C 16 -0.34 -25.69 -0.42
N SER C 17 -0.93 -25.40 -1.58
CA SER C 17 -0.59 -24.19 -2.32
C SER C 17 -0.63 -22.86 -1.55
N LYS C 18 -1.63 -22.69 -0.69
CA LYS C 18 -1.77 -21.46 0.08
C LYS C 18 -0.65 -21.26 1.10
N TYR C 19 0.05 -22.33 1.46
CA TYR C 19 1.12 -22.20 2.44
C TYR C 19 2.45 -21.95 1.79
N GLY C 20 2.44 -21.74 0.49
CA GLY C 20 3.68 -21.46 -0.21
C GLY C 20 4.15 -20.03 0.04
N THR C 21 4.96 -19.50 -0.87
CA THR C 21 5.48 -18.15 -0.76
C THR C 21 4.45 -17.08 -1.15
N LEU C 22 4.14 -16.18 -0.23
CA LEU C 22 3.15 -15.14 -0.52
C LEU C 22 3.74 -14.16 -1.50
N ILE C 23 2.92 -13.62 -2.41
CA ILE C 23 3.47 -12.63 -3.33
C ILE C 23 3.34 -11.22 -2.74
N SER C 24 4.32 -10.37 -3.07
CA SER C 24 4.37 -8.98 -2.62
C SER C 24 3.07 -8.25 -2.85
N ASP C 25 2.61 -7.51 -1.86
CA ASP C 25 1.34 -6.82 -1.99
C ASP C 25 1.14 -6.04 -3.28
N TRP C 26 2.16 -5.28 -3.70
CA TRP C 26 2.04 -4.51 -4.93
C TRP C 26 1.76 -5.40 -6.15
N TYR C 27 2.37 -6.57 -6.22
CA TYR C 27 2.14 -7.44 -7.36
C TYR C 27 0.80 -8.19 -7.22
N LEU C 28 0.41 -8.43 -5.97
CA LEU C 28 -0.83 -9.13 -5.60
C LEU C 28 -2.09 -8.48 -6.21
N LYS C 29 -2.17 -7.15 -6.13
CA LYS C 29 -3.34 -6.45 -6.63
C LYS C 29 -3.69 -6.81 -8.05
N GLY C 30 -2.66 -6.90 -8.89
CA GLY C 30 -2.88 -7.23 -10.29
C GLY C 30 -3.26 -8.69 -10.50
N ARG C 31 -2.81 -9.59 -9.63
CA ARG C 31 -3.18 -11.01 -9.75
C ARG C 31 -4.66 -11.19 -9.33
N LEU C 32 -5.11 -10.47 -8.30
CA LEU C 32 -6.51 -10.58 -7.89
C LEU C 32 -7.42 -10.03 -8.99
N THR C 33 -6.99 -8.93 -9.63
CA THR C 33 -7.79 -8.33 -10.70
C THR C 33 -7.88 -9.30 -11.87
N SER C 34 -6.77 -9.96 -12.16
CA SER C 34 -6.71 -10.97 -13.20
C SER C 34 -7.72 -12.10 -12.86
N LEU C 35 -7.68 -12.58 -11.62
CA LEU C 35 -8.62 -13.63 -11.22
C LEU C 35 -10.05 -13.12 -11.42
N GLU C 36 -10.34 -11.93 -10.92
CA GLU C 36 -11.69 -11.38 -11.06
C GLU C 36 -12.12 -11.37 -12.51
N SER C 37 -11.23 -10.98 -13.40
CA SER C 37 -11.58 -10.95 -14.83
C SER C 37 -11.87 -12.33 -15.41
N GLN C 38 -11.13 -13.32 -14.93
CA GLN C 38 -11.31 -14.69 -15.41
C GLN C 38 -12.69 -15.22 -15.06
N PHE C 39 -13.11 -14.95 -13.83
CA PHE C 39 -14.43 -15.36 -13.38
C PHE C 39 -15.47 -14.64 -14.22
N ILE C 40 -15.26 -13.34 -14.45
CA ILE C 40 -16.23 -12.57 -15.22
C ILE C 40 -16.36 -13.14 -16.60
N ASN C 41 -15.22 -13.45 -17.21
CA ASN C 41 -15.24 -14.02 -18.55
C ASN C 41 -15.91 -15.41 -18.54
N ALA C 42 -15.58 -16.25 -17.55
CA ALA C 42 -16.17 -17.60 -17.49
C ALA C 42 -17.71 -17.54 -17.33
N LEU C 43 -18.18 -16.69 -16.43
CA LEU C 43 -19.61 -16.54 -16.23
C LEU C 43 -20.27 -15.97 -17.45
N GLY C 44 -19.58 -15.11 -18.18
CA GLY C 44 -20.19 -14.53 -19.37
C GLY C 44 -20.40 -15.54 -20.48
N ILE C 45 -19.48 -16.48 -20.58
CA ILE C 45 -19.60 -17.53 -21.60
C ILE C 45 -20.84 -18.33 -21.22
N LEU C 46 -20.93 -18.67 -19.95
CA LEU C 46 -22.03 -19.45 -19.45
C LEU C 46 -23.37 -18.81 -19.80
N GLU C 47 -23.47 -17.50 -19.62
CA GLU C 47 -24.69 -16.72 -19.87
C GLU C 47 -25.04 -16.45 -21.32
N THR C 48 -24.12 -16.70 -22.24
CA THR C 48 -24.39 -16.45 -23.65
C THR C 48 -25.78 -16.96 -24.06
N TYR C 49 -26.54 -16.09 -24.70
CA TYR C 49 -27.88 -16.41 -25.16
C TYR C 49 -28.05 -17.73 -25.91
N HIS C 50 -27.11 -18.02 -26.82
CA HIS C 50 -27.11 -19.24 -27.62
C HIS C 50 -27.29 -20.47 -26.71
N TYR C 51 -26.64 -20.47 -25.56
CA TYR C 51 -26.71 -21.60 -24.66
C TYR C 51 -27.94 -21.68 -23.76
N GLY C 52 -28.94 -20.86 -24.01
CA GLY C 52 -30.13 -20.89 -23.18
C GLY C 52 -31.12 -21.94 -23.64
N GLU C 53 -30.64 -23.08 -24.13
CA GLU C 53 -31.56 -24.14 -24.57
C GLU C 53 -31.43 -25.26 -23.55
N LYS C 54 -32.50 -26.04 -23.41
CA LYS C 54 -32.50 -27.15 -22.46
C LYS C 54 -31.36 -28.13 -22.68
N GLU C 55 -30.93 -28.29 -23.93
CA GLU C 55 -29.84 -29.22 -24.20
C GLU C 55 -28.48 -28.85 -23.63
N TYR C 56 -28.30 -27.60 -23.22
CA TYR C 56 -26.99 -27.22 -22.68
C TYR C 56 -26.98 -27.22 -21.16
N LYS C 57 -28.15 -27.44 -20.57
CA LYS C 57 -28.31 -27.42 -19.11
C LYS C 57 -27.26 -28.15 -18.30
N ASP C 58 -26.95 -29.39 -18.65
CA ASP C 58 -25.97 -30.13 -17.89
C ASP C 58 -24.58 -29.57 -18.06
N ALA C 59 -24.24 -29.25 -19.31
CA ALA C 59 -22.93 -28.69 -19.62
C ALA C 59 -22.76 -27.41 -18.79
N LYS C 60 -23.81 -26.61 -18.73
CA LYS C 60 -23.77 -25.37 -17.96
C LYS C 60 -23.63 -25.63 -16.46
N ASP C 61 -24.50 -26.49 -15.92
CA ASP C 61 -24.44 -26.81 -14.49
C ASP C 61 -23.04 -27.23 -14.13
N LYS C 62 -22.44 -28.02 -15.00
CA LYS C 62 -21.10 -28.50 -14.77
C LYS C 62 -20.10 -27.34 -14.72
N LEU C 63 -20.19 -26.42 -15.68
CA LEU C 63 -19.25 -25.28 -15.72
C LEU C 63 -19.50 -24.39 -14.49
N MET C 64 -20.77 -24.12 -14.23
CA MET C 64 -21.15 -23.30 -13.08
C MET C 64 -20.58 -23.93 -11.82
N THR C 65 -20.68 -25.24 -11.72
CA THR C 65 -20.17 -25.93 -10.54
C THR C 65 -18.71 -25.69 -10.33
N ARG C 66 -17.96 -25.66 -11.43
CA ARG C 66 -16.51 -25.44 -11.39
C ARG C 66 -16.16 -23.98 -11.08
N ILE C 67 -16.87 -23.05 -11.71
CA ILE C 67 -16.60 -21.65 -11.46
C ILE C 67 -16.91 -21.33 -10.00
N LEU C 68 -18.09 -21.74 -9.51
CA LEU C 68 -18.44 -21.46 -8.10
C LEU C 68 -17.47 -22.13 -7.17
N GLY C 69 -16.99 -23.30 -7.58
CA GLY C 69 -16.04 -23.99 -6.74
C GLY C 69 -14.76 -23.19 -6.56
N GLU C 70 -14.26 -22.56 -7.62
CA GLU C 70 -13.02 -21.81 -7.45
C GLU C 70 -13.32 -20.49 -6.76
N ASP C 71 -14.53 -19.98 -6.97
CA ASP C 71 -14.91 -18.74 -6.31
C ASP C 71 -15.01 -18.98 -4.82
N GLN C 72 -15.56 -20.12 -4.46
CA GLN C 72 -15.72 -20.48 -3.06
C GLN C 72 -14.36 -20.64 -2.43
N TYR C 73 -13.41 -21.14 -3.21
CA TYR C 73 -12.07 -21.28 -2.66
C TYR C 73 -11.54 -19.91 -2.20
N LEU C 74 -11.63 -18.91 -3.07
CA LEU C 74 -11.14 -17.55 -2.78
C LEU C 74 -11.97 -16.92 -1.63
N LEU C 75 -13.28 -17.09 -1.65
CA LEU C 75 -14.14 -16.61 -0.58
C LEU C 75 -13.70 -17.20 0.76
N GLU C 76 -13.47 -18.51 0.80
CA GLU C 76 -13.04 -19.09 2.06
C GLU C 76 -11.65 -18.60 2.47
N ARG C 77 -10.78 -18.33 1.49
CA ARG C 77 -9.45 -17.83 1.84
C ARG C 77 -9.60 -16.42 2.46
N LYS C 78 -10.49 -15.61 1.90
CA LYS C 78 -10.74 -14.28 2.44
C LYS C 78 -11.25 -14.36 3.87
N LYS C 79 -12.19 -15.27 4.13
CA LYS C 79 -12.71 -15.39 5.48
C LYS C 79 -11.61 -15.79 6.43
N VAL C 80 -10.77 -16.75 6.04
CA VAL C 80 -9.72 -17.15 6.97
C VAL C 80 -8.77 -15.97 7.20
N GLN C 81 -8.41 -15.28 6.13
CA GLN C 81 -7.48 -14.16 6.29
C GLN C 81 -8.08 -12.98 7.08
N TYR C 82 -9.37 -12.70 6.88
CA TYR C 82 -10.03 -11.61 7.62
C TYR C 82 -9.96 -11.91 9.10
N GLU C 83 -10.14 -13.16 9.46
CA GLU C 83 -10.10 -13.57 10.85
C GLU C 83 -8.73 -13.26 11.44
N GLU C 84 -7.68 -13.45 10.67
CA GLU C 84 -6.34 -13.17 11.17
C GLU C 84 -6.06 -11.66 11.19
N TYR C 85 -6.58 -10.96 10.20
CA TYR C 85 -6.42 -9.52 10.10
C TYR C 85 -6.99 -8.85 11.35
N LYS C 86 -8.18 -9.28 11.76
CA LYS C 86 -8.84 -8.73 12.96
C LYS C 86 -7.98 -8.88 14.17
N LYS C 87 -7.35 -10.06 14.33
CA LYS C 87 -6.49 -10.27 15.49
C LYS C 87 -5.25 -9.39 15.38
N LEU C 88 -4.79 -9.13 14.15
CA LEU C 88 -3.61 -8.31 13.98
C LEU C 88 -4.03 -6.88 14.32
N TYR C 89 -5.21 -6.49 13.83
CA TYR C 89 -5.70 -5.15 14.10
C TYR C 89 -5.76 -4.87 15.59
N LYS C 90 -6.28 -5.82 16.36
CA LYS C 90 -6.38 -5.62 17.79
C LYS C 90 -4.99 -5.54 18.44
N LYS C 91 -4.04 -6.32 17.95
CA LYS C 91 -2.68 -6.24 18.51
C LYS C 91 -2.09 -4.87 18.17
N TYR C 92 -2.35 -4.41 16.95
CA TYR C 92 -1.89 -3.12 16.48
C TYR C 92 -2.43 -1.99 17.38
N LYS C 93 -3.72 -2.05 17.69
CA LYS C 93 -4.34 -1.03 18.55
C LYS C 93 -3.76 -1.03 19.95
N GLU C 94 -3.36 -2.19 20.43
CA GLU C 94 -2.77 -2.27 21.74
C GLU C 94 -1.36 -1.66 21.71
N GLU C 95 -0.73 -1.63 20.54
CA GLU C 95 0.62 -1.08 20.42
C GLU C 95 0.60 0.39 20.02
N ASN C 96 -0.51 0.84 19.44
CA ASN C 96 -0.65 2.22 19.01
C ASN C 96 -1.99 2.75 19.49
N PRO C 97 -2.17 2.84 20.81
CA PRO C 97 -3.43 3.33 21.40
C PRO C 97 -3.96 4.68 20.90
N THR C 98 -3.07 5.60 20.59
CA THR C 98 -3.51 6.90 20.13
C THR C 98 -3.98 6.85 18.68
N SER C 99 -3.83 5.68 18.04
CA SER C 99 -4.23 5.53 16.65
C SER C 99 -5.74 5.61 16.50
N LYS C 100 -6.19 6.31 15.47
CA LYS C 100 -7.62 6.44 15.19
C LYS C 100 -8.00 5.65 13.93
N VAL C 101 -7.12 4.78 13.44
CA VAL C 101 -7.41 4.00 12.25
C VAL C 101 -8.48 2.96 12.55
N LYS C 102 -9.48 2.85 11.68
CA LYS C 102 -10.57 1.92 11.91
C LYS C 102 -10.35 0.59 11.22
N MET C 103 -10.85 -0.47 11.84
CA MET C 103 -10.72 -1.82 11.30
C MET C 103 -11.64 -1.96 10.10
N LYS C 104 -11.12 -2.44 8.98
CA LYS C 104 -11.94 -2.62 7.78
C LYS C 104 -13.00 -3.64 8.13
N THR C 105 -14.12 -3.59 7.41
CA THR C 105 -15.19 -4.55 7.59
C THR C 105 -14.80 -5.70 6.65
N PHE C 106 -15.53 -6.81 6.70
CA PHE C 106 -15.23 -7.94 5.81
C PHE C 106 -15.39 -7.50 4.37
N ASP C 107 -16.39 -6.67 4.11
CA ASP C 107 -16.64 -6.24 2.74
C ASP C 107 -15.63 -5.22 2.23
N GLN C 108 -14.97 -4.49 3.13
CA GLN C 108 -13.97 -3.54 2.67
C GLN C 108 -12.63 -4.26 2.56
N TYR C 109 -12.48 -5.33 3.34
CA TYR C 109 -11.26 -6.10 3.33
C TYR C 109 -11.08 -6.73 1.97
N THR C 110 -9.83 -6.99 1.63
CA THR C 110 -9.52 -7.66 0.36
C THR C 110 -8.45 -8.68 0.72
N ILE C 111 -8.32 -9.73 -0.09
CA ILE C 111 -7.33 -10.78 0.18
C ILE C 111 -5.92 -10.21 0.30
N GLU C 112 -5.20 -10.63 1.33
CA GLU C 112 -3.83 -10.16 1.55
C GLU C 112 -2.74 -11.20 1.22
N ASP C 113 -3.12 -12.48 1.25
CA ASP C 113 -2.22 -13.62 1.03
C ASP C 113 -2.60 -14.46 -0.18
N LEU C 114 -1.71 -14.56 -1.14
CA LEU C 114 -1.95 -15.40 -2.29
C LEU C 114 -0.56 -15.88 -2.73
N THR C 115 -0.46 -17.13 -3.19
CA THR C 115 0.85 -17.63 -3.65
C THR C 115 0.70 -17.80 -5.15
N MET C 116 1.81 -17.83 -5.88
CA MET C 116 1.70 -18.01 -7.32
C MET C 116 1.12 -19.38 -7.60
N ARG C 117 1.39 -20.35 -6.72
CA ARG C 117 0.80 -21.68 -6.91
C ARG C 117 -0.73 -21.60 -6.91
N GLU C 118 -1.32 -20.87 -5.96
CA GLU C 118 -2.79 -20.73 -5.97
C GLU C 118 -3.26 -20.01 -7.25
N TYR C 119 -2.59 -18.91 -7.61
CA TYR C 119 -2.97 -18.16 -8.80
C TYR C 119 -2.96 -19.06 -10.05
N ASN C 120 -1.85 -19.74 -10.30
CA ASN C 120 -1.76 -20.62 -11.47
C ASN C 120 -2.77 -21.76 -11.40
N GLU C 121 -2.97 -22.34 -10.22
CA GLU C 121 -3.94 -23.43 -10.14
C GLU C 121 -5.36 -22.94 -10.36
N LEU C 122 -5.70 -21.77 -9.79
CA LEU C 122 -7.05 -21.20 -9.99
C LEU C 122 -7.22 -20.93 -11.46
N THR C 123 -6.22 -20.28 -12.03
CA THR C 123 -6.29 -19.91 -13.44
C THR C 123 -6.43 -21.14 -14.32
N GLU C 124 -5.66 -22.18 -14.05
CA GLU C 124 -5.74 -23.37 -14.89
C GLU C 124 -7.07 -24.11 -14.75
N SER C 125 -7.54 -24.20 -13.52
CA SER C 125 -8.82 -24.86 -13.25
C SER C 125 -9.93 -24.17 -14.05
N LEU C 126 -9.97 -22.84 -14.02
CA LEU C 126 -11.04 -22.19 -14.79
C LEU C 126 -10.88 -22.42 -16.30
N LYS C 127 -9.65 -22.31 -16.76
CA LYS C 127 -9.35 -22.52 -18.18
C LYS C 127 -9.80 -23.93 -18.57
N SER C 128 -9.47 -24.90 -17.72
CA SER C 128 -9.84 -26.31 -17.94
C SER C 128 -11.37 -26.45 -18.00
N ALA C 129 -12.05 -25.80 -17.05
CA ALA C 129 -13.50 -25.86 -17.00
C ALA C 129 -14.12 -25.28 -18.25
N VAL C 130 -13.56 -24.18 -18.74
CA VAL C 130 -14.13 -23.57 -19.93
C VAL C 130 -13.88 -24.52 -21.12
N LYS C 131 -12.68 -25.07 -21.22
CA LYS C 131 -12.39 -26.00 -22.31
C LYS C 131 -13.38 -27.19 -22.28
N ASP C 132 -13.62 -27.77 -21.11
CA ASP C 132 -14.56 -28.88 -21.02
C ASP C 132 -15.93 -28.43 -21.48
N PHE C 133 -16.29 -27.19 -21.15
CA PHE C 133 -17.58 -26.68 -21.55
C PHE C 133 -17.64 -26.58 -23.06
N GLU C 134 -16.57 -26.07 -23.65
CA GLU C 134 -16.55 -25.93 -25.11
C GLU C 134 -16.62 -27.29 -25.82
N LYS C 135 -16.04 -28.32 -25.22
CA LYS C 135 -16.09 -29.67 -25.81
C LYS C 135 -17.51 -30.19 -25.62
N ASP C 136 -18.07 -30.05 -24.42
CA ASP C 136 -19.44 -30.53 -24.19
C ASP C 136 -20.40 -29.87 -25.18
N VAL C 137 -20.16 -28.60 -25.51
CA VAL C 137 -21.05 -27.89 -26.43
C VAL C 137 -20.96 -28.43 -27.85
N GLU C 138 -19.75 -28.70 -28.29
CA GLU C 138 -19.50 -29.24 -29.62
C GLU C 138 -20.21 -30.59 -29.77
N ILE C 139 -20.17 -31.38 -28.71
CA ILE C 139 -20.83 -32.66 -28.69
C ILE C 139 -22.34 -32.42 -28.80
N ILE C 140 -22.87 -31.55 -27.95
CA ILE C 140 -24.30 -31.25 -28.00
C ILE C 140 -24.76 -30.83 -29.39
N GLU C 141 -23.96 -30.01 -30.04
CA GLU C 141 -24.35 -29.52 -31.34
C GLU C 141 -24.17 -30.51 -32.46
N ASN C 142 -23.39 -31.56 -32.24
CA ASN C 142 -23.21 -32.59 -33.28
C ASN C 142 -24.45 -33.46 -33.25
N GLN C 143 -25.02 -33.58 -32.07
CA GLN C 143 -26.20 -34.37 -31.82
C GLN C 143 -27.52 -33.63 -32.07
N HIS C 144 -27.45 -32.31 -32.27
CA HIS C 144 -28.67 -31.52 -32.49
C HIS C 144 -28.37 -30.48 -33.57
N HIS C 145 -28.59 -30.84 -34.82
CA HIS C 145 -28.28 -29.94 -35.93
C HIS C 145 -28.88 -28.55 -35.83
N ASP C 146 -30.05 -28.40 -35.24
CA ASP C 146 -30.67 -27.08 -35.14
C ASP C 146 -30.00 -26.17 -34.12
N LEU C 147 -29.03 -26.71 -33.39
CA LEU C 147 -28.28 -25.94 -32.40
C LEU C 147 -26.89 -25.50 -32.93
N LYS C 148 -26.47 -26.12 -34.05
CA LYS C 148 -25.19 -25.86 -34.70
C LYS C 148 -25.16 -24.38 -35.16
N PRO C 149 -24.06 -23.66 -34.85
CA PRO C 149 -23.98 -22.24 -35.25
C PRO C 149 -24.09 -21.98 -36.76
N PHE C 150 -24.87 -20.98 -37.13
CA PHE C 150 -24.98 -20.62 -38.54
C PHE C 150 -23.63 -20.06 -39.04
N THR C 151 -23.43 -20.09 -40.34
CA THR C 151 -22.25 -19.43 -40.92
C THR C 151 -22.74 -17.95 -40.87
N ASP C 152 -21.81 -17.00 -41.01
CA ASP C 152 -22.13 -15.59 -40.97
C ASP C 152 -23.22 -15.21 -41.96
N GLU C 153 -23.14 -15.79 -43.15
CA GLU C 153 -24.14 -15.53 -44.16
C GLU C 153 -25.50 -16.08 -43.73
N MET C 154 -25.51 -17.29 -43.18
CA MET C 154 -26.78 -17.85 -42.75
C MET C 154 -27.38 -17.05 -41.58
N GLU C 155 -26.54 -16.60 -40.65
CA GLU C 155 -27.04 -15.81 -39.53
C GLU C 155 -27.59 -14.46 -40.02
N GLU C 156 -26.90 -13.83 -40.97
CA GLU C 156 -27.38 -12.54 -41.47
C GLU C 156 -28.77 -12.69 -42.10
N LYS C 157 -28.96 -13.74 -42.88
CA LYS C 157 -30.25 -13.96 -43.51
C LYS C 157 -31.34 -14.23 -42.49
N ALA C 158 -31.02 -15.06 -41.49
CA ALA C 158 -31.98 -15.42 -40.45
C ALA C 158 -32.31 -14.17 -39.61
N THR C 159 -31.28 -13.45 -39.22
CA THR C 159 -31.43 -12.24 -38.43
C THR C 159 -32.32 -11.24 -39.18
N ALA C 160 -32.22 -11.19 -40.50
CA ALA C 160 -33.04 -10.24 -41.24
C ALA C 160 -34.50 -10.67 -41.28
N ARG C 161 -34.74 -11.97 -41.32
CA ARG C 161 -36.13 -12.43 -41.35
C ARG C 161 -36.77 -12.03 -40.02
N VAL C 162 -36.03 -12.24 -38.94
CA VAL C 162 -36.49 -11.93 -37.60
C VAL C 162 -36.75 -10.45 -37.43
N ASP C 163 -35.82 -9.63 -37.89
CA ASP C 163 -35.99 -8.19 -37.76
C ASP C 163 -37.16 -7.68 -38.60
N ASP C 164 -37.37 -8.27 -39.77
CA ASP C 164 -38.48 -7.85 -40.61
C ASP C 164 -39.82 -8.14 -39.91
N LEU C 165 -39.90 -9.30 -39.26
CA LEU C 165 -41.13 -9.66 -38.58
C LEU C 165 -41.33 -8.69 -37.43
N ALA C 166 -40.27 -8.42 -36.68
CA ALA C 166 -40.41 -7.52 -35.54
C ALA C 166 -40.87 -6.12 -35.98
N ASN C 167 -40.41 -5.70 -37.16
CA ASN C 167 -40.77 -4.39 -37.66
C ASN C 167 -42.23 -4.34 -38.07
N LYS C 168 -42.80 -5.47 -38.46
CA LYS C 168 -44.21 -5.50 -38.79
C LYS C 168 -44.95 -5.29 -37.46
N ALA C 169 -44.43 -5.91 -36.40
CA ALA C 169 -45.02 -5.77 -35.09
C ALA C 169 -44.95 -4.32 -34.64
N TYR C 170 -43.82 -3.66 -34.91
CA TYR C 170 -43.68 -2.28 -34.50
C TYR C 170 -44.70 -1.39 -35.20
N SER C 171 -45.05 -1.73 -36.44
CA SER C 171 -46.02 -0.95 -37.19
C SER C 171 -47.38 -1.03 -36.49
N VAL C 172 -47.75 -2.25 -36.11
CA VAL C 172 -49.01 -2.48 -35.42
C VAL C 172 -48.96 -1.63 -34.16
N TYR C 173 -47.85 -1.70 -33.44
CA TYR C 173 -47.70 -0.92 -32.22
C TYR C 173 -47.90 0.57 -32.51
N PHE C 174 -47.27 1.10 -33.55
CA PHE C 174 -47.41 2.51 -33.85
C PHE C 174 -48.83 2.83 -34.31
N ALA C 175 -49.48 1.87 -34.95
CA ALA C 175 -50.82 2.10 -35.44
C ALA C 175 -51.87 2.17 -34.32
N PHE C 176 -51.52 1.68 -33.14
CA PHE C 176 -52.49 1.69 -32.06
C PHE C 176 -52.08 2.33 -30.76
N VAL C 177 -50.86 2.89 -30.73
CA VAL C 177 -50.37 3.51 -29.52
C VAL C 177 -51.04 4.85 -29.19
N ARG C 178 -51.75 5.46 -30.13
CA ARG C 178 -52.46 6.74 -29.86
C ARG C 178 -53.97 6.49 -29.86
N ASP C 179 -54.33 5.21 -29.79
CA ASP C 179 -55.71 4.80 -29.81
C ASP C 179 -56.16 4.43 -28.40
N THR C 180 -56.81 5.38 -27.72
CA THR C 180 -57.26 5.21 -26.34
C THR C 180 -57.75 3.81 -26.01
N GLN C 181 -58.55 3.24 -26.89
CA GLN C 181 -59.09 1.91 -26.65
C GLN C 181 -58.08 0.75 -26.61
N HIS C 182 -57.03 0.80 -27.43
CA HIS C 182 -56.04 -0.28 -27.49
C HIS C 182 -54.60 0.06 -27.09
N LYS C 183 -54.42 1.25 -26.54
CA LYS C 183 -53.09 1.68 -26.15
C LYS C 183 -52.30 0.71 -25.25
N THR C 184 -52.93 0.14 -24.24
CA THR C 184 -52.20 -0.75 -23.36
C THR C 184 -51.69 -1.96 -24.10
N GLU C 185 -52.56 -2.59 -24.89
CA GLU C 185 -52.17 -3.76 -25.66
C GLU C 185 -51.03 -3.43 -26.58
N ALA C 186 -51.07 -2.22 -27.15
CA ALA C 186 -50.04 -1.78 -28.06
C ALA C 186 -48.72 -1.61 -27.33
N LEU C 187 -48.78 -0.97 -26.17
CA LEU C 187 -47.59 -0.74 -25.37
C LEU C 187 -46.97 -2.06 -24.92
N GLU C 188 -47.82 -3.04 -24.62
CA GLU C 188 -47.31 -4.33 -24.18
C GLU C 188 -46.68 -5.04 -25.39
N LEU C 189 -47.29 -4.86 -26.56
CA LEU C 189 -46.80 -5.44 -27.79
C LEU C 189 -45.37 -4.93 -28.00
N LYS C 190 -45.19 -3.62 -27.97
CA LYS C 190 -43.85 -3.08 -28.13
C LYS C 190 -42.91 -3.62 -27.08
N ALA C 191 -43.34 -3.62 -25.82
CA ALA C 191 -42.46 -4.11 -24.77
C ALA C 191 -42.11 -5.59 -24.93
N LYS C 192 -43.07 -6.40 -25.38
CA LYS C 192 -42.81 -7.82 -25.55
C LYS C 192 -41.87 -8.06 -26.73
N VAL C 193 -42.05 -7.32 -27.82
CA VAL C 193 -41.15 -7.45 -28.96
C VAL C 193 -39.73 -7.05 -28.49
N ASP C 194 -39.60 -5.93 -27.78
CA ASP C 194 -38.28 -5.52 -27.31
C ASP C 194 -37.65 -6.57 -26.40
N LEU C 195 -38.45 -7.15 -25.51
CA LEU C 195 -37.95 -8.15 -24.59
C LEU C 195 -37.33 -9.36 -25.30
N VAL C 196 -38.02 -9.90 -26.31
CA VAL C 196 -37.45 -11.07 -26.97
C VAL C 196 -36.27 -10.76 -27.87
N LEU C 197 -36.28 -9.60 -28.52
CA LEU C 197 -35.16 -9.20 -29.37
C LEU C 197 -33.91 -8.95 -28.54
N GLY C 198 -34.10 -8.41 -27.34
CA GLY C 198 -32.97 -8.06 -26.50
C GLY C 198 -32.63 -6.57 -26.67
N ASP C 199 -31.60 -6.09 -25.99
CA ASP C 199 -31.18 -4.69 -26.10
C ASP C 199 -30.82 -4.31 -27.52
N GLU C 200 -31.32 -3.17 -27.98
CA GLU C 200 -31.05 -2.70 -29.34
C GLU C 200 -29.58 -2.61 -29.72
N ASP C 201 -28.73 -2.29 -28.77
CA ASP C 201 -27.30 -2.20 -29.04
C ASP C 201 -26.58 -3.55 -28.94
N LYS C 202 -27.24 -4.59 -28.44
CA LYS C 202 -26.61 -5.91 -28.34
C LYS C 202 -27.73 -6.94 -28.28
N PRO C 203 -28.49 -7.03 -29.38
CA PRO C 203 -29.60 -7.98 -29.44
C PRO C 203 -29.17 -9.44 -29.41
N HIS C 204 -30.12 -10.31 -29.06
CA HIS C 204 -29.86 -11.73 -29.06
C HIS C 204 -29.58 -12.17 -30.49
N ARG C 205 -28.46 -12.82 -30.70
CA ARG C 205 -28.15 -13.26 -32.05
C ARG C 205 -28.98 -14.46 -32.48
N ILE C 206 -29.42 -14.45 -33.72
CA ILE C 206 -30.19 -15.55 -34.30
C ILE C 206 -29.07 -16.43 -34.87
N SER C 207 -28.40 -17.14 -33.96
CA SER C 207 -27.23 -17.92 -34.33
C SER C 207 -27.37 -19.37 -34.81
N ASN C 208 -28.58 -19.91 -34.84
CA ASN C 208 -28.76 -21.27 -35.30
C ASN C 208 -30.19 -21.45 -35.74
N GLU C 209 -30.51 -22.61 -36.31
CA GLU C 209 -31.86 -22.83 -36.79
C GLU C 209 -32.92 -22.84 -35.72
N ARG C 210 -32.55 -23.22 -34.52
CA ARG C 210 -33.54 -23.26 -33.46
C ARG C 210 -33.94 -21.85 -33.01
N ILE C 211 -32.97 -20.98 -32.82
CA ILE C 211 -33.26 -19.60 -32.42
C ILE C 211 -34.15 -18.96 -33.50
N GLU C 212 -33.80 -19.13 -34.76
CA GLU C 212 -34.56 -18.52 -35.84
C GLU C 212 -36.01 -18.99 -35.80
N LYS C 213 -36.17 -20.30 -35.68
CA LYS C 213 -37.50 -20.89 -35.65
C LYS C 213 -38.31 -20.39 -34.45
N GLU C 214 -37.73 -20.48 -33.27
CA GLU C 214 -38.44 -20.07 -32.07
C GLU C 214 -38.65 -18.54 -31.95
N MET C 215 -37.66 -17.77 -32.38
CA MET C 215 -37.78 -16.31 -32.30
C MET C 215 -38.92 -15.89 -33.22
N ILE C 216 -39.04 -16.57 -34.35
CA ILE C 216 -40.10 -16.24 -35.27
C ILE C 216 -41.46 -16.63 -34.72
N LYS C 217 -41.57 -17.82 -34.14
CA LYS C 217 -42.84 -18.24 -33.56
C LYS C 217 -43.17 -17.31 -32.38
N ASP C 218 -42.18 -16.95 -31.56
CA ASP C 218 -42.42 -16.04 -30.45
C ASP C 218 -42.97 -14.70 -30.94
N LEU C 219 -42.29 -14.11 -31.92
CA LEU C 219 -42.72 -12.83 -32.46
C LEU C 219 -44.11 -12.90 -33.06
N GLU C 220 -44.38 -13.96 -33.82
CA GLU C 220 -45.68 -14.13 -34.41
C GLU C 220 -46.75 -14.31 -33.32
N SER C 221 -46.41 -15.05 -32.27
CA SER C 221 -47.35 -15.26 -31.18
C SER C 221 -47.62 -13.95 -30.44
N ILE C 222 -46.58 -13.13 -30.27
CA ILE C 222 -46.71 -11.85 -29.58
C ILE C 222 -47.63 -10.92 -30.38
N ILE C 223 -47.52 -10.95 -31.71
CA ILE C 223 -48.36 -10.14 -32.57
C ILE C 223 -49.80 -10.65 -32.45
N GLU C 224 -49.93 -11.98 -32.51
CA GLU C 224 -51.24 -12.61 -32.42
C GLU C 224 -51.85 -12.31 -31.05
N ASP C 225 -51.02 -12.22 -30.01
CA ASP C 225 -51.51 -11.89 -28.66
C ASP C 225 -52.21 -10.51 -28.73
N PHE C 226 -51.63 -9.57 -29.48
CA PHE C 226 -52.22 -8.25 -29.56
C PHE C 226 -53.60 -8.32 -30.15
N PHE C 227 -53.75 -9.04 -31.27
CA PHE C 227 -55.06 -9.13 -31.89
C PHE C 227 -56.07 -9.92 -31.05
N ILE C 228 -55.59 -10.94 -30.34
CA ILE C 228 -56.47 -11.75 -29.51
C ILE C 228 -57.04 -10.89 -28.38
N GLU C 229 -56.17 -10.15 -27.70
CA GLU C 229 -56.58 -9.28 -26.58
C GLU C 229 -57.38 -8.02 -26.90
N THR C 230 -57.13 -7.39 -28.04
CA THR C 230 -57.86 -6.18 -28.41
C THR C 230 -59.15 -6.56 -29.11
N GLY C 231 -59.21 -7.79 -29.61
CA GLY C 231 -60.39 -8.23 -30.33
C GLY C 231 -60.37 -7.80 -31.79
N LEU C 232 -59.22 -7.31 -32.27
CA LEU C 232 -59.08 -6.90 -33.65
C LEU C 232 -58.61 -8.08 -34.53
N ASN C 233 -58.80 -8.00 -35.84
CA ASN C 233 -58.35 -9.08 -36.71
C ASN C 233 -56.97 -8.78 -37.32
N LYS C 234 -56.15 -9.83 -37.39
CA LYS C 234 -54.80 -9.71 -37.93
C LYS C 234 -54.81 -9.69 -39.45
N PRO C 235 -54.32 -8.59 -40.04
CA PRO C 235 -54.29 -8.48 -41.50
C PRO C 235 -53.18 -9.35 -42.11
N ASP C 236 -53.42 -9.85 -43.31
CA ASP C 236 -52.45 -10.69 -43.99
C ASP C 236 -51.22 -9.88 -44.38
N ASN C 237 -51.42 -8.59 -44.59
CA ASN C 237 -50.33 -7.73 -44.99
C ASN C 237 -50.09 -6.56 -44.05
N ILE C 238 -48.86 -6.45 -43.56
CA ILE C 238 -48.46 -5.33 -42.70
C ILE C 238 -47.13 -4.79 -43.23
N THR C 239 -47.08 -3.50 -43.51
CA THR C 239 -45.86 -2.89 -44.00
C THR C 239 -44.86 -2.90 -42.85
N SER C 240 -43.64 -3.37 -43.09
CA SER C 240 -42.65 -3.38 -42.02
C SER C 240 -42.26 -1.95 -41.68
N TYR C 241 -42.09 -1.66 -40.39
CA TYR C 241 -41.70 -0.33 -39.98
C TYR C 241 -40.26 -0.11 -40.40
N ASP C 242 -40.01 1.04 -40.99
CA ASP C 242 -38.68 1.40 -41.46
C ASP C 242 -38.40 2.84 -41.00
N SER C 243 -37.60 2.97 -39.96
CA SER C 243 -37.29 4.27 -39.41
C SER C 243 -36.98 5.33 -40.44
N SER C 244 -36.20 4.98 -41.44
CA SER C 244 -35.80 5.94 -42.46
C SER C 244 -36.98 6.42 -43.29
N LYS C 245 -38.13 5.76 -43.20
CA LYS C 245 -39.30 6.15 -43.97
C LYS C 245 -40.50 6.55 -43.14
N HIS C 246 -40.54 6.04 -41.91
CA HIS C 246 -41.70 6.23 -41.07
C HIS C 246 -41.49 6.84 -39.70
N HIS C 247 -40.27 7.27 -39.39
CA HIS C 247 -39.99 7.84 -38.07
C HIS C 247 -40.99 8.92 -37.68
N TYR C 248 -41.56 8.79 -36.48
CA TYR C 248 -42.57 9.72 -35.98
C TYR C 248 -42.17 11.19 -36.17
N LYS C 249 -40.95 11.53 -35.77
CA LYS C 249 -40.48 12.91 -35.89
C LYS C 249 -39.70 13.25 -37.15
N ASN C 250 -38.84 12.33 -37.58
CA ASN C 250 -38.03 12.56 -38.77
C ASN C 250 -38.79 12.48 -40.08
N HIS C 251 -39.87 11.69 -40.09
CA HIS C 251 -40.68 11.51 -41.30
C HIS C 251 -42.17 11.44 -40.96
N SER C 252 -42.67 12.49 -40.31
CA SER C 252 -44.06 12.58 -39.88
C SER C 252 -45.05 12.14 -40.94
N GLU C 253 -44.88 12.68 -42.13
CA GLU C 253 -45.77 12.36 -43.23
C GLU C 253 -45.80 10.84 -43.41
N GLY C 254 -44.62 10.23 -43.52
CA GLY C 254 -44.55 8.78 -43.70
C GLY C 254 -45.07 7.98 -42.52
N PHE C 255 -44.88 8.51 -41.32
CA PHE C 255 -45.34 7.86 -40.11
C PHE C 255 -46.86 7.77 -40.17
N GLU C 256 -47.53 8.88 -40.51
CA GLU C 256 -49.00 8.93 -40.58
C GLU C 256 -49.58 8.02 -41.66
N ALA C 257 -48.89 7.93 -42.79
CA ALA C 257 -49.34 7.06 -43.86
C ALA C 257 -49.25 5.58 -43.40
N LEU C 258 -48.19 5.23 -42.67
CA LEU C 258 -48.01 3.86 -42.17
C LEU C 258 -49.14 3.54 -41.21
N VAL C 259 -49.35 4.43 -40.25
CA VAL C 259 -50.41 4.25 -39.27
C VAL C 259 -51.73 4.09 -40.01
N LYS C 260 -52.02 5.02 -40.90
CA LYS C 260 -53.27 5.01 -41.65
C LYS C 260 -53.47 3.72 -42.43
N GLU C 261 -52.42 3.28 -43.11
CA GLU C 261 -52.50 2.06 -43.89
C GLU C 261 -52.67 0.79 -43.03
N THR C 262 -52.03 0.77 -41.87
CA THR C 262 -52.10 -0.37 -40.99
C THR C 262 -53.47 -0.48 -40.34
N ARG C 263 -53.97 0.65 -39.86
CA ARG C 263 -55.29 0.66 -39.24
C ARG C 263 -56.35 0.23 -40.26
N GLU C 264 -56.26 0.75 -41.49
CA GLU C 264 -57.21 0.37 -42.50
C GLU C 264 -57.12 -1.13 -42.82
N ALA C 265 -55.92 -1.68 -42.78
CA ALA C 265 -55.79 -3.07 -43.08
C ALA C 265 -56.45 -3.90 -41.97
N VAL C 266 -56.31 -3.47 -40.73
CA VAL C 266 -56.91 -4.20 -39.62
C VAL C 266 -58.43 -4.15 -39.79
N THR C 267 -58.96 -3.00 -40.14
CA THR C 267 -60.40 -2.88 -40.35
C THR C 267 -60.89 -3.82 -41.45
N ASN C 268 -60.11 -3.99 -42.52
CA ASN C 268 -60.54 -4.88 -43.60
C ASN C 268 -60.23 -6.37 -43.39
N ALA C 269 -59.51 -6.73 -42.32
CA ALA C 269 -59.16 -8.13 -42.07
C ALA C 269 -60.33 -8.98 -41.54
N ASN C 270 -60.33 -10.27 -41.89
CA ASN C 270 -61.37 -11.17 -41.40
C ASN C 270 -60.76 -11.97 -40.29
N ASP C 271 -61.52 -12.89 -39.72
CA ASP C 271 -61.00 -13.66 -38.59
C ASP C 271 -60.38 -15.03 -38.89
N SER C 272 -60.10 -15.30 -40.14
CA SER C 272 -59.49 -16.58 -40.50
C SER C 272 -58.21 -16.88 -39.76
N TRP C 273 -57.44 -15.84 -39.46
CA TRP C 273 -56.18 -16.02 -38.77
C TRP C 273 -56.29 -16.78 -37.43
N LYS C 274 -57.45 -16.70 -36.79
CA LYS C 274 -57.60 -17.38 -35.49
C LYS C 274 -57.44 -18.90 -35.55
N THR C 275 -57.70 -19.48 -36.71
CA THR C 275 -57.58 -20.91 -36.85
C THR C 275 -56.12 -21.34 -37.03
N LYS C 276 -55.22 -20.38 -37.26
CA LYS C 276 -53.81 -20.68 -37.51
C LYS C 276 -52.82 -20.06 -36.52
N THR C 277 -53.24 -19.73 -35.31
CA THR C 277 -52.31 -19.09 -34.40
C THR C 277 -51.23 -20.01 -33.86
N VAL C 278 -50.10 -19.43 -33.47
CA VAL C 278 -49.01 -20.19 -32.92
C VAL C 278 -49.48 -20.79 -31.59
N LYS C 279 -50.06 -19.95 -30.75
CA LYS C 279 -50.54 -20.36 -29.44
C LYS C 279 -52.00 -20.85 -29.42
N LYS C 280 -52.36 -21.53 -28.33
CA LYS C 280 -53.71 -22.02 -28.15
C LYS C 280 -54.39 -20.94 -27.32
N TYR C 281 -55.45 -20.33 -27.85
CA TYR C 281 -56.14 -19.32 -27.07
C TYR C 281 -57.48 -19.85 -26.59
N GLY C 282 -57.64 -19.92 -25.27
CA GLY C 282 -58.86 -20.44 -24.70
C GLY C 282 -58.65 -21.92 -24.41
N GLU D 2 54.74 22.41 1.16
CA GLU D 2 56.04 23.08 1.48
C GLU D 2 57.27 22.22 1.16
N ALA D 3 58.34 22.45 1.89
CA ALA D 3 59.60 21.72 1.67
C ALA D 3 59.75 20.51 2.58
N ASP D 4 59.11 20.55 3.74
CA ASP D 4 59.19 19.44 4.67
C ASP D 4 57.89 18.61 4.62
N CYS D 5 57.08 18.85 3.59
CA CYS D 5 55.80 18.14 3.43
C CYS D 5 55.94 16.63 3.32
N GLY D 6 54.91 15.94 3.80
CA GLY D 6 54.85 14.49 3.70
C GLY D 6 55.75 13.66 4.58
N LEU D 7 56.54 14.29 5.42
CA LEU D 7 57.41 13.52 6.31
C LEU D 7 56.82 13.66 7.70
N ARG D 8 56.36 12.56 8.28
CA ARG D 8 55.74 12.62 9.59
C ARG D 8 56.70 12.62 10.77
N PRO D 9 56.56 13.62 11.64
CA PRO D 9 57.38 13.81 12.83
C PRO D 9 57.53 12.54 13.66
N LEU D 10 56.43 11.83 13.86
CA LEU D 10 56.47 10.64 14.70
C LEU D 10 56.82 9.34 13.97
N PHE D 11 57.04 9.43 12.67
CA PHE D 11 57.38 8.25 11.88
C PHE D 11 58.64 8.41 11.03
N GLU D 12 58.52 8.94 9.82
CA GLU D 12 59.69 9.11 8.98
C GLU D 12 60.83 9.81 9.70
N LYS D 13 60.57 10.94 10.32
CA LYS D 13 61.60 11.69 11.01
C LYS D 13 62.23 10.95 12.19
N LYS D 14 61.63 9.87 12.64
CA LYS D 14 62.19 9.10 13.75
C LYS D 14 62.57 7.71 13.23
N SER D 15 62.51 7.54 11.90
CA SER D 15 62.85 6.26 11.30
C SER D 15 62.00 5.14 11.90
N LEU D 16 60.71 5.42 12.03
CA LEU D 16 59.77 4.47 12.57
C LEU D 16 58.73 4.25 11.47
N GLU D 17 58.36 2.99 11.25
CA GLU D 17 57.36 2.68 10.23
C GLU D 17 56.03 2.47 10.92
N ASP D 18 54.93 2.77 10.22
CA ASP D 18 53.62 2.56 10.80
C ASP D 18 53.23 1.11 10.47
N LYS D 19 52.27 0.54 11.18
CA LYS D 19 51.93 -0.85 10.96
C LYS D 19 51.32 -1.38 9.67
N THR D 20 50.99 -0.52 8.70
CA THR D 20 50.42 -1.01 7.45
C THR D 20 51.08 -0.38 6.24
N GLU D 21 52.07 0.45 6.51
CA GLU D 21 52.84 1.16 5.50
C GLU D 21 53.44 0.19 4.46
N ARG D 22 54.01 -0.90 4.94
CA ARG D 22 54.63 -1.90 4.05
C ARG D 22 53.62 -2.53 3.08
N GLU D 23 52.35 -2.60 3.48
CA GLU D 23 51.33 -3.15 2.60
C GLU D 23 51.25 -2.29 1.35
N LEU D 24 51.54 -1.00 1.50
CA LEU D 24 51.50 -0.03 0.39
C LEU D 24 52.70 -0.23 -0.55
N LEU D 25 53.89 -0.24 0.05
CA LEU D 25 55.13 -0.43 -0.70
C LEU D 25 55.07 -1.76 -1.49
N GLU D 26 54.58 -2.83 -0.87
CA GLU D 26 54.49 -4.09 -1.58
C GLU D 26 53.51 -4.08 -2.76
N SER D 27 52.57 -3.14 -2.77
CA SER D 27 51.61 -3.07 -3.86
C SER D 27 52.25 -2.52 -5.14
N TYR D 28 53.44 -1.94 -5.03
CA TYR D 28 54.10 -1.43 -6.22
C TYR D 28 54.82 -2.57 -6.99
N ILE E 1 34.95 5.36 7.76
CA ILE E 1 35.84 4.35 7.11
C ILE E 1 35.32 2.92 7.42
N VAL E 2 35.06 2.14 6.38
CA VAL E 2 34.57 0.77 6.56
C VAL E 2 35.72 -0.24 6.48
N GLU E 3 35.76 -1.16 7.43
CA GLU E 3 36.79 -2.21 7.49
C GLU E 3 38.20 -1.71 7.76
N GLY E 4 38.32 -0.60 8.49
CA GLY E 4 39.63 -0.06 8.77
C GLY E 4 40.01 -0.37 10.19
N SER E 5 41.04 0.29 10.69
CA SER E 5 41.41 0.07 12.08
C SER E 5 41.80 1.42 12.70
N ASP E 6 41.95 1.44 14.03
CA ASP E 6 42.34 2.65 14.73
C ASP E 6 43.70 3.10 14.23
N ALA E 7 43.84 4.39 13.98
CA ALA E 7 45.11 4.91 13.53
C ALA E 7 46.11 4.93 14.68
N GLU E 8 47.40 4.91 14.35
CA GLU E 8 48.43 5.03 15.36
C GLU E 8 48.48 6.55 15.59
N ILE E 9 48.85 6.97 16.79
CA ILE E 9 48.92 8.40 17.07
C ILE E 9 49.93 9.08 16.15
N GLY E 10 49.48 10.14 15.49
CA GLY E 10 50.36 10.89 14.62
C GLY E 10 50.61 10.31 13.24
N MET E 11 49.88 9.25 12.88
CA MET E 11 50.11 8.66 11.57
C MET E 11 49.53 9.47 10.41
N SER E 12 48.57 10.36 10.67
CA SER E 12 48.03 11.16 9.59
C SER E 12 47.98 12.61 10.10
N PRO E 13 49.17 13.18 10.37
CA PRO E 13 49.31 14.54 10.89
C PRO E 13 48.73 15.66 10.05
N TRP E 14 48.34 15.36 8.82
CA TRP E 14 47.73 16.36 7.95
C TRP E 14 46.20 16.24 7.99
N GLN E 15 45.72 15.33 8.83
CA GLN E 15 44.29 15.09 8.95
C GLN E 15 43.54 16.29 9.56
N VAL E 16 42.47 16.72 8.92
CA VAL E 16 41.71 17.85 9.46
C VAL E 16 40.22 17.52 9.57
N MET E 17 39.58 18.00 10.63
CA MET E 17 38.13 17.83 10.77
C MET E 17 37.45 19.12 10.36
N LEU E 18 36.42 19.04 9.53
CA LEU E 18 35.67 20.25 9.16
C LEU E 18 34.49 20.18 10.13
N PHE E 19 34.38 21.19 11.01
CA PHE E 19 33.35 21.21 12.06
C PHE E 19 32.30 22.31 11.96
N ARG E 20 31.01 21.94 11.91
CA ARG E 20 29.96 22.96 11.87
C ARG E 20 29.84 23.44 13.32
N LYS E 21 29.90 24.76 13.52
CA LYS E 21 29.84 25.28 14.88
C LYS E 21 28.55 25.00 15.64
N SER E 22 27.41 25.16 14.97
CA SER E 22 26.16 24.92 15.64
C SER E 22 24.98 24.69 14.71
N PRO E 23 24.22 23.62 14.95
CA PRO E 23 24.50 22.69 16.05
C PRO E 23 25.82 21.98 15.79
N GLN E 24 26.63 21.76 16.83
CA GLN E 24 27.92 21.09 16.70
C GLN E 24 27.79 19.85 15.85
N GLU E 25 28.68 19.67 14.87
CA GLU E 25 28.60 18.49 14.01
C GLU E 25 29.87 18.25 13.21
N LEU E 26 30.44 17.04 13.32
CA LEU E 26 31.63 16.71 12.53
C LEU E 26 31.07 16.54 11.13
N LEU E 27 31.44 17.44 10.22
CA LEU E 27 30.90 17.38 8.86
C LEU E 27 31.67 16.54 7.84
N CYS E 28 32.97 16.71 7.82
CA CYS E 28 33.80 16.08 6.79
C CYS E 28 35.22 16.06 7.27
N GLY E 29 36.08 15.47 6.44
CA GLY E 29 37.48 15.50 6.77
C GLY E 29 38.02 16.54 5.80
N ALA E 30 39.32 16.76 5.86
CA ALA E 30 39.99 17.72 5.00
C ALA E 30 41.45 17.44 5.25
N SER E 31 42.33 18.18 4.58
CA SER E 31 43.76 17.97 4.79
C SER E 31 44.55 19.27 4.80
N LEU E 32 45.61 19.24 5.58
CA LEU E 32 46.52 20.37 5.75
C LEU E 32 47.61 20.27 4.66
N ILE E 33 47.63 21.25 3.75
CA ILE E 33 48.64 21.27 2.69
C ILE E 33 49.69 22.37 2.87
N SER E 34 49.58 23.15 3.94
CA SER E 34 50.54 24.21 4.29
C SER E 34 50.05 24.82 5.60
N ASP E 35 50.78 25.79 6.15
CA ASP E 35 50.34 26.38 7.42
C ASP E 35 49.13 27.28 7.32
N ARG E 36 48.66 27.55 6.11
CA ARG E 36 47.53 28.45 5.93
C ARG E 36 46.40 27.88 5.07
N TRP E 37 46.64 26.75 4.43
CA TRP E 37 45.62 26.20 3.57
C TRP E 37 45.14 24.79 3.89
N VAL E 38 43.85 24.57 3.74
CA VAL E 38 43.27 23.29 4.01
C VAL E 38 42.45 22.87 2.80
N LEU E 39 42.62 21.63 2.39
CA LEU E 39 41.94 21.09 1.22
C LEU E 39 40.77 20.20 1.63
N THR E 40 39.67 20.31 0.93
CA THR E 40 38.53 19.47 1.24
C THR E 40 37.74 19.23 -0.04
N ALA E 41 36.59 18.58 0.08
CA ALA E 41 35.73 18.32 -1.06
C ALA E 41 34.72 19.47 -1.13
N ALA E 42 34.33 19.88 -2.33
CA ALA E 42 33.36 20.96 -2.46
C ALA E 42 31.96 20.63 -1.91
N HIS E 43 31.47 19.42 -2.14
CA HIS E 43 30.14 19.07 -1.69
C HIS E 43 29.95 19.14 -0.19
N CYS E 44 31.04 19.20 0.56
CA CYS E 44 30.94 19.31 2.01
C CYS E 44 30.53 20.72 2.42
N LEU E 45 30.77 21.68 1.51
CA LEU E 45 30.48 23.09 1.77
C LEU E 45 29.30 23.52 0.95
N LEU E 46 29.20 23.00 -0.26
CA LEU E 46 28.12 23.37 -1.14
C LEU E 46 27.45 22.19 -1.83
N TYR E 47 26.19 21.96 -1.50
CA TYR E 47 25.43 20.89 -2.14
C TYR E 47 23.96 21.22 -2.02
N PRO E 48 23.45 22.03 -2.95
CA PRO E 48 22.04 22.44 -2.96
C PRO E 48 21.03 21.33 -2.72
N PRO E 49 21.17 20.18 -3.42
CA PRO E 49 20.17 19.13 -3.19
C PRO E 49 19.92 18.74 -1.73
N TRP E 50 20.86 19.01 -0.84
CA TRP E 50 20.67 18.69 0.56
C TRP E 50 20.63 20.00 1.35
N ASP E 51 20.23 21.09 0.68
CA ASP E 51 20.14 22.42 1.28
C ASP E 51 21.42 22.76 2.02
N LYS E 52 22.56 22.50 1.40
CA LYS E 52 23.82 22.79 2.05
C LYS E 52 24.62 23.87 1.35
N ASN E 53 25.03 24.87 2.11
CA ASN E 53 25.80 25.97 1.58
C ASN E 53 26.40 26.75 2.73
N PHE E 54 27.44 26.20 3.34
CA PHE E 54 28.06 26.84 4.48
C PHE E 54 28.98 28.03 4.17
N THR E 55 29.06 29.00 5.07
CA THR E 55 29.97 30.14 4.85
C THR E 55 31.11 30.00 5.88
N GLU E 56 32.11 30.85 5.81
CA GLU E 56 33.26 30.75 6.70
C GLU E 56 32.90 30.74 8.17
N ASN E 57 31.94 31.58 8.53
CA ASN E 57 31.52 31.74 9.91
C ASN E 57 30.70 30.59 10.47
N ASP E 58 30.27 29.69 9.59
CA ASP E 58 29.50 28.52 10.00
C ASP E 58 30.43 27.44 10.51
N LEU E 59 31.70 27.52 10.11
CA LEU E 59 32.66 26.45 10.42
C LEU E 59 33.92 26.70 11.20
N LEU E 60 34.51 25.59 11.64
CA LEU E 60 35.76 25.57 12.37
C LEU E 60 36.53 24.43 11.71
N VAL E 61 37.82 24.39 11.99
CA VAL E 61 38.67 23.36 11.45
C VAL E 61 39.40 22.87 12.68
N ARG E 62 39.53 21.54 12.84
CA ARG E 62 40.23 20.99 14.00
C ARG E 62 41.38 20.15 13.45
N ILE E 63 42.57 20.47 13.91
CA ILE E 63 43.76 19.85 13.38
C ILE E 63 44.52 19.22 14.48
N GLY E 64 45.24 18.16 14.14
CA GLY E 64 46.06 17.46 15.11
C GLY E 64 45.30 16.45 15.95
N LYS E 65 44.06 16.16 15.57
CA LYS E 65 43.25 15.27 16.39
C LYS E 65 43.42 13.76 16.21
N HIS E 66 43.22 13.03 17.29
CA HIS E 66 43.30 11.59 17.32
C HIS E 66 41.88 11.07 17.67
N SER E 67 41.42 11.39 18.88
CA SER E 67 40.08 11.01 19.28
C SER E 67 39.08 12.14 19.06
N ARG E 68 37.93 11.78 18.51
CA ARG E 68 36.87 12.72 18.22
C ARG E 68 35.99 13.05 19.43
N THR E 69 36.05 12.24 20.48
CA THR E 69 35.13 12.44 21.61
C THR E 69 35.46 13.48 22.64
N ARG E 70 36.69 13.96 22.66
CA ARG E 70 37.06 14.98 23.61
C ARG E 70 37.92 16.02 22.92
N TYR E 71 38.02 17.18 23.54
CA TYR E 71 38.87 18.25 23.05
C TYR E 71 40.26 17.70 23.43
N GLU E 72 41.26 17.80 22.55
CA GLU E 72 42.58 17.29 22.95
C GLU E 72 43.59 18.42 23.11
N ARG E 73 43.53 19.00 24.31
CA ARG E 73 44.34 20.10 24.81
C ARG E 73 45.76 20.27 24.27
N ASN E 74 46.58 19.25 24.51
CA ASN E 74 47.97 19.30 24.15
C ASN E 74 48.35 19.11 22.73
N ILE E 75 47.41 18.73 21.87
CA ILE E 75 47.79 18.48 20.49
C ILE E 75 46.85 19.08 19.48
N GLU E 76 45.63 19.36 19.90
CA GLU E 76 44.63 19.90 19.00
C GLU E 76 44.80 21.38 18.70
N LYS E 77 44.38 21.79 17.51
CA LYS E 77 44.46 23.17 17.10
C LYS E 77 43.18 23.51 16.35
N ILE E 78 42.48 24.54 16.84
CA ILE E 78 41.23 24.97 16.24
C ILE E 78 41.52 26.23 15.43
N SER E 79 41.03 26.31 14.19
CA SER E 79 41.27 27.50 13.38
C SER E 79 40.04 28.03 12.70
N MET E 80 39.90 29.35 12.76
CA MET E 80 38.78 30.01 12.11
C MET E 80 39.18 30.06 10.64
N LEU E 81 38.20 30.13 9.76
CA LEU E 81 38.45 30.20 8.35
C LEU E 81 38.37 31.63 7.88
N GLU E 82 39.30 32.04 7.03
CA GLU E 82 39.25 33.38 6.50
C GLU E 82 38.40 33.40 5.24
N LYS E 83 38.55 32.37 4.42
CA LYS E 83 37.82 32.30 3.15
C LYS E 83 37.72 30.88 2.58
N ILE E 84 36.56 30.58 2.02
CA ILE E 84 36.24 29.32 1.38
C ILE E 84 36.35 29.56 -0.14
N TYR E 85 37.05 28.67 -0.84
CA TYR E 85 37.18 28.78 -2.28
C TYR E 85 36.73 27.47 -2.91
N ILE E 86 35.54 27.48 -3.48
CA ILE E 86 34.99 26.33 -4.14
C ILE E 86 35.32 26.38 -5.63
N HIS E 87 35.70 25.23 -6.20
CA HIS E 87 36.04 25.23 -7.62
C HIS E 87 34.87 25.78 -8.41
N PRO E 88 35.12 26.78 -9.28
CA PRO E 88 34.03 27.34 -10.06
C PRO E 88 33.36 26.40 -11.02
N ARG E 89 34.01 25.32 -11.39
CA ARG E 89 33.36 24.41 -12.31
C ARG E 89 33.01 23.10 -11.62
N TYR E 90 32.79 23.18 -10.32
CA TYR E 90 32.37 22.06 -9.50
C TYR E 90 30.99 21.68 -10.01
N ASN E 91 30.84 20.47 -10.55
CA ASN E 91 29.57 20.05 -11.11
C ASN E 91 28.68 19.30 -10.12
N TRP E 92 28.03 20.02 -9.21
CA TRP E 92 27.17 19.36 -8.23
C TRP E 92 25.85 18.80 -8.80
N ARG E 93 25.32 19.42 -9.85
CA ARG E 93 24.07 18.94 -10.42
C ARG E 93 24.19 17.58 -11.10
N GLU E 94 25.40 17.18 -11.45
CA GLU E 94 25.53 15.91 -12.17
C GLU E 94 26.36 14.74 -11.68
N ASN E 95 27.63 14.95 -11.37
CA ASN E 95 28.47 13.83 -10.99
C ASN E 95 29.61 14.19 -10.05
N LEU E 96 29.48 15.34 -9.40
CA LEU E 96 30.51 15.84 -8.51
C LEU E 96 31.86 15.99 -9.21
N ASP E 97 31.83 16.29 -10.50
CA ASP E 97 33.07 16.51 -11.21
C ASP E 97 33.72 17.75 -10.59
N ARG E 98 35.00 17.63 -10.25
CA ARG E 98 35.79 18.69 -9.64
C ARG E 98 35.28 18.97 -8.23
N ASP E 99 35.08 17.90 -7.46
CA ASP E 99 34.59 18.01 -6.11
C ASP E 99 35.78 18.39 -5.24
N ILE E 100 36.08 19.70 -5.24
CA ILE E 100 37.24 20.17 -4.50
C ILE E 100 37.07 21.60 -3.99
N ALA E 101 37.65 21.89 -2.85
CA ALA E 101 37.56 23.22 -2.31
C ALA E 101 38.75 23.48 -1.43
N LEU E 102 39.08 24.76 -1.28
CA LEU E 102 40.20 25.16 -0.45
C LEU E 102 39.67 26.09 0.64
N MET E 103 40.32 26.06 1.77
CA MET E 103 39.91 26.91 2.88
C MET E 103 41.16 27.55 3.41
N LYS E 104 41.17 28.88 3.44
CA LYS E 104 42.33 29.61 3.94
C LYS E 104 42.09 29.93 5.39
N LEU E 105 43.03 29.59 6.26
CA LEU E 105 42.88 29.87 7.67
C LEU E 105 43.16 31.36 7.93
N LYS E 106 42.60 31.92 9.00
CA LYS E 106 42.82 33.33 9.32
C LYS E 106 44.28 33.54 9.67
N LYS E 107 44.84 32.64 10.47
CA LYS E 107 46.24 32.73 10.86
C LYS E 107 46.95 31.45 10.48
N PRO E 108 48.27 31.50 10.30
CA PRO E 108 48.93 30.25 9.95
C PRO E 108 48.96 29.39 11.22
N VAL E 109 48.94 28.05 11.08
CA VAL E 109 48.99 27.20 12.27
C VAL E 109 50.41 26.72 12.45
N ALA E 110 50.81 26.47 13.69
CA ALA E 110 52.15 25.98 13.94
C ALA E 110 52.20 24.46 13.80
N PHE E 111 53.28 23.95 13.22
CA PHE E 111 53.43 22.52 13.07
C PHE E 111 53.92 21.93 14.40
N SER E 112 53.83 20.61 14.52
CA SER E 112 54.25 19.95 15.74
C SER E 112 54.28 18.46 15.41
N ASP E 113 54.47 17.62 16.41
CA ASP E 113 54.51 16.19 16.18
C ASP E 113 53.18 15.68 15.63
N TYR E 114 52.13 16.42 15.89
CA TYR E 114 50.78 16.00 15.51
C TYR E 114 50.14 16.74 14.40
N ILE E 115 50.77 17.84 13.97
CA ILE E 115 50.23 18.65 12.90
C ILE E 115 51.34 18.83 11.85
N HIS E 116 51.09 18.41 10.62
CA HIS E 116 52.12 18.51 9.57
C HIS E 116 51.43 18.42 8.22
N PRO E 117 51.90 19.19 7.23
CA PRO E 117 51.25 19.15 5.91
C PRO E 117 51.70 17.93 5.07
N VAL E 118 50.82 17.53 4.15
CA VAL E 118 51.06 16.42 3.23
C VAL E 118 51.48 17.08 1.90
N CYS E 119 52.17 16.35 1.02
CA CYS E 119 52.58 16.91 -0.26
C CYS E 119 51.54 16.68 -1.33
N LEU E 120 51.51 17.58 -2.30
CA LEU E 120 50.61 17.43 -3.42
C LEU E 120 51.50 16.86 -4.52
N PRO E 121 50.95 16.03 -5.40
CA PRO E 121 51.81 15.48 -6.45
C PRO E 121 52.00 16.32 -7.71
N ASP E 122 53.10 16.08 -8.40
CA ASP E 122 53.35 16.74 -9.67
C ASP E 122 52.89 15.74 -10.72
N ARG E 123 53.02 16.11 -11.99
CA ARG E 123 52.58 15.27 -13.08
C ARG E 123 53.15 13.85 -13.09
N GLU E 124 54.45 13.72 -12.83
CA GLU E 124 55.07 12.41 -12.87
C GLU E 124 54.68 11.55 -11.69
N THR E 125 54.57 12.12 -10.49
CA THR E 125 54.20 11.34 -9.31
C THR E 125 52.79 10.76 -9.56
N ALA E 126 51.92 11.54 -10.19
CA ALA E 126 50.58 11.07 -10.47
C ALA E 126 50.63 9.96 -11.51
N ALA E 127 51.45 10.16 -12.54
CA ALA E 127 51.57 9.18 -13.61
C ALA E 127 52.16 7.86 -13.09
N SER E 128 53.20 7.91 -12.26
CA SER E 128 53.79 6.69 -11.76
C SER E 128 53.10 5.99 -10.58
N LEU E 129 52.44 6.75 -9.72
CA LEU E 129 51.77 6.16 -8.56
C LEU E 129 50.31 5.77 -8.79
N LEU E 130 49.62 6.44 -9.69
CA LEU E 130 48.23 6.11 -9.91
C LEU E 130 48.00 4.99 -10.91
N GLN E 131 48.40 3.78 -10.54
CA GLN E 131 48.22 2.64 -11.43
C GLN E 131 47.34 1.61 -10.74
N ALA E 132 46.51 0.94 -11.53
CA ALA E 132 45.64 -0.10 -11.01
C ALA E 132 46.47 -1.04 -10.16
N GLY E 133 45.94 -1.45 -9.01
CA GLY E 133 46.65 -2.37 -8.14
C GLY E 133 47.41 -1.69 -7.03
N TYR E 134 47.98 -0.53 -7.32
CA TYR E 134 48.72 0.24 -6.32
C TYR E 134 47.75 0.66 -5.23
N LYS E 135 48.20 0.56 -3.99
CA LYS E 135 47.35 0.91 -2.85
C LYS E 135 47.65 2.27 -2.23
N GLY E 136 46.59 2.97 -1.86
CA GLY E 136 46.75 4.24 -1.21
C GLY E 136 46.09 4.13 0.15
N ARG E 137 46.15 5.18 0.95
CA ARG E 137 45.55 5.16 2.27
C ARG E 137 44.47 6.23 2.42
N VAL E 138 43.35 5.84 3.03
CA VAL E 138 42.21 6.73 3.25
C VAL E 138 41.97 6.77 4.75
N THR E 139 41.69 7.97 5.28
CA THR E 139 41.49 8.17 6.70
C THR E 139 40.27 9.04 6.99
N GLY E 140 39.70 8.88 8.18
CA GLY E 140 38.55 9.68 8.53
C GLY E 140 37.84 9.21 9.78
N TRP E 141 36.87 10.05 10.18
CA TRP E 141 36.05 9.77 11.33
C TRP E 141 34.62 9.48 10.85
N GLY E 142 34.45 9.17 9.57
CA GLY E 142 33.13 8.85 9.03
C GLY E 142 32.52 7.53 9.53
N ASN E 143 31.30 7.22 9.09
CA ASN E 143 30.61 5.99 9.51
C ASN E 143 31.38 4.69 9.28
N LEU E 144 31.18 3.75 10.20
CA LEU E 144 31.85 2.45 10.15
C LEU E 144 31.30 1.49 9.08
N LYS E 145 30.11 1.79 8.57
CA LYS E 145 29.55 0.97 7.53
C LYS E 145 28.22 1.49 7.03
N GLU E 146 27.75 0.93 5.92
CA GLU E 146 26.46 1.33 5.37
C GLU E 146 25.44 0.75 6.33
N THR E 147 24.29 1.39 6.45
CA THR E 147 23.24 0.95 7.39
C THR E 147 21.97 0.70 6.62
N TRP E 148 21.06 -0.07 7.20
CA TRP E 148 19.86 -0.44 6.46
C TRP E 148 18.90 0.68 6.09
N THR E 149 18.95 1.77 6.83
CA THR E 149 18.10 2.90 6.49
C THR E 149 18.90 4.19 6.70
N ALA E 150 18.65 5.19 5.86
CA ALA E 150 19.36 6.47 5.98
C ALA E 150 19.21 6.93 7.43
N ASN E 151 17.99 6.79 7.93
CA ASN E 151 17.66 7.18 9.28
C ASN E 151 18.34 6.41 10.39
N VAL E 152 18.81 5.20 10.12
CA VAL E 152 19.46 4.42 11.17
C VAL E 152 20.39 5.41 11.86
N GLY E 153 21.04 6.25 11.06
CA GLY E 153 21.91 7.26 11.64
C GLY E 153 23.40 7.00 11.53
N LYS E 154 24.15 7.72 12.36
CA LYS E 154 25.61 7.67 12.38
C LYS E 154 26.29 6.76 13.41
N GLY E 155 27.03 5.78 12.90
CA GLY E 155 27.79 4.88 13.76
C GLY E 155 29.25 5.26 13.55
N GLN E 156 29.69 6.32 14.24
CA GLN E 156 31.06 6.84 14.11
C GLN E 156 32.02 6.42 15.19
N PRO E 157 33.28 6.19 14.81
CA PRO E 157 34.35 5.76 15.72
C PRO E 157 34.84 6.93 16.57
N SER E 158 35.57 6.63 17.63
CA SER E 158 36.11 7.70 18.45
C SER E 158 37.51 7.99 17.94
N VAL E 159 38.27 6.95 17.62
CA VAL E 159 39.62 7.16 17.11
C VAL E 159 39.64 7.19 15.59
N LEU E 160 40.50 8.04 15.02
CA LEU E 160 40.64 8.16 13.57
C LEU E 160 40.78 6.77 12.94
N GLN E 161 40.05 6.52 11.86
CA GLN E 161 40.12 5.22 11.19
C GLN E 161 40.97 5.28 9.93
N VAL E 162 41.73 4.21 9.68
CA VAL E 162 42.55 4.16 8.48
C VAL E 162 42.41 2.82 7.75
N VAL E 163 42.33 2.89 6.41
CA VAL E 163 42.20 1.72 5.55
C VAL E 163 43.03 1.87 4.28
N ASN E 164 43.65 0.77 3.84
CA ASN E 164 44.44 0.78 2.63
C ASN E 164 43.61 0.15 1.53
N LEU E 165 43.58 0.80 0.37
CA LEU E 165 42.78 0.34 -0.75
C LEU E 165 43.50 0.45 -2.06
N PRO E 166 43.25 -0.48 -2.97
CA PRO E 166 43.92 -0.41 -4.27
C PRO E 166 43.18 0.43 -5.33
N ILE E 167 43.95 1.14 -6.14
CA ILE E 167 43.35 1.91 -7.23
C ILE E 167 42.84 0.89 -8.23
N VAL E 168 41.68 1.11 -8.83
CA VAL E 168 41.20 0.16 -9.82
C VAL E 168 41.18 0.72 -11.23
N GLU E 169 41.38 -0.15 -12.21
CA GLU E 169 41.42 0.25 -13.61
C GLU E 169 40.17 1.01 -13.98
N ARG E 170 40.31 2.01 -14.84
CA ARG E 170 39.22 2.86 -15.25
C ARG E 170 38.01 2.18 -15.87
N PRO E 171 38.23 1.23 -16.78
CA PRO E 171 37.06 0.56 -17.37
C PRO E 171 36.20 -0.10 -16.30
N VAL E 172 36.83 -0.63 -15.26
CA VAL E 172 36.08 -1.24 -14.18
C VAL E 172 35.34 -0.13 -13.41
N CYS E 173 36.01 0.99 -13.15
CA CYS E 173 35.37 2.09 -12.44
C CYS E 173 34.16 2.53 -13.25
N LYS E 174 34.37 2.77 -14.53
CA LYS E 174 33.33 3.21 -15.42
C LYS E 174 32.14 2.27 -15.48
N ASP E 175 32.43 0.98 -15.57
CA ASP E 175 31.35 -0.01 -15.67
C ASP E 175 30.64 -0.26 -14.35
N SER E 176 31.26 0.14 -13.25
CA SER E 176 30.65 -0.10 -11.97
C SER E 176 29.54 0.85 -11.58
N THR E 177 29.33 1.93 -12.33
CA THR E 177 28.32 2.90 -11.93
C THR E 177 27.68 3.57 -13.11
N ARG E 178 26.46 4.06 -12.93
CA ARG E 178 25.79 4.71 -14.03
C ARG E 178 26.05 6.22 -14.00
N ILE E 179 26.74 6.66 -12.97
CA ILE E 179 27.08 8.06 -12.86
C ILE E 179 28.24 8.28 -13.86
N ARG E 180 28.16 9.37 -14.63
CA ARG E 180 29.20 9.68 -15.61
C ARG E 180 30.54 10.03 -14.95
N ILE E 181 31.54 9.16 -15.03
CA ILE E 181 32.79 9.54 -14.41
C ILE E 181 33.60 10.41 -15.37
N THR E 182 34.60 11.09 -14.83
CA THR E 182 35.43 11.98 -15.66
C THR E 182 36.87 11.74 -15.28
N ASP E 183 37.77 12.30 -16.08
CA ASP E 183 39.18 12.19 -15.84
C ASP E 183 39.60 12.91 -14.56
N ASN E 184 38.68 13.66 -13.93
CA ASN E 184 39.03 14.33 -12.67
C ASN E 184 38.69 13.49 -11.45
N MET E 185 38.41 12.21 -11.68
CA MET E 185 38.12 11.26 -10.61
C MET E 185 38.94 9.97 -10.81
N PHE E 186 39.06 9.17 -9.76
CA PHE E 186 39.69 7.85 -9.90
C PHE E 186 38.98 7.02 -8.84
N CYS E 187 38.96 5.70 -9.00
CA CYS E 187 38.27 4.93 -7.97
C CYS E 187 39.20 3.91 -7.30
N ALA E 188 38.86 3.52 -6.07
CA ALA E 188 39.67 2.55 -5.35
C ALA E 188 38.82 1.59 -4.51
N GLY E 189 39.41 0.44 -4.20
CA GLY E 189 38.69 -0.56 -3.43
C GLY E 189 38.88 -1.94 -4.05
N TYR E 190 38.65 -2.98 -3.25
CA TYR E 190 38.81 -4.35 -3.70
C TYR E 190 37.69 -4.84 -4.58
N LYS E 191 38.03 -5.75 -5.48
CA LYS E 191 37.05 -6.34 -6.38
C LYS E 191 36.37 -7.49 -5.64
N PRO E 192 35.16 -7.89 -6.06
CA PRO E 192 34.45 -8.97 -5.39
C PRO E 192 35.29 -10.20 -5.08
N ASP E 193 36.15 -10.65 -5.98
CA ASP E 193 36.92 -11.83 -5.62
C ASP E 193 38.34 -11.61 -5.15
N GLU E 194 38.58 -10.47 -4.49
CA GLU E 194 39.91 -10.20 -3.97
C GLU E 194 39.84 -10.53 -2.48
N GLY E 195 38.65 -10.75 -1.98
CA GLY E 195 38.54 -11.11 -0.59
C GLY E 195 38.49 -9.96 0.38
N LYS E 196 39.57 -9.17 0.46
CA LYS E 196 39.59 -8.02 1.37
C LYS E 196 38.47 -7.06 1.05
N ARG E 197 38.05 -6.31 2.05
CA ARG E 197 36.99 -5.32 1.89
C ARG E 197 37.54 -3.96 2.33
N GLY E 198 36.69 -2.95 2.36
CA GLY E 198 37.15 -1.64 2.79
C GLY E 198 36.66 -0.54 1.92
N ASP E 199 36.41 0.62 2.50
CA ASP E 199 35.91 1.76 1.73
C ASP E 199 35.81 2.97 2.64
N ALA E 200 35.56 4.12 2.04
CA ALA E 200 35.34 5.35 2.80
C ALA E 200 33.81 5.31 2.89
N CYS E 201 33.22 6.21 3.68
CA CYS E 201 31.77 6.22 3.85
C CYS E 201 31.29 7.66 4.20
N GLU E 202 29.99 7.82 4.46
CA GLU E 202 29.46 9.13 4.82
C GLU E 202 30.32 9.74 5.92
N GLY E 203 30.64 11.01 5.77
CA GLY E 203 31.47 11.67 6.76
C GLY E 203 32.96 11.62 6.45
N ASP E 204 33.36 10.75 5.53
CA ASP E 204 34.78 10.66 5.19
C ASP E 204 35.13 11.65 4.06
N SER E 205 34.12 12.14 3.35
CA SER E 205 34.32 13.11 2.28
C SER E 205 35.31 14.21 2.68
N GLY E 206 36.13 14.62 1.71
CA GLY E 206 37.13 15.64 1.96
C GLY E 206 38.40 15.07 2.53
N GLY E 207 38.34 13.87 3.11
CA GLY E 207 39.54 13.27 3.68
C GLY E 207 40.55 12.94 2.60
N PRO E 208 41.81 12.76 2.95
CA PRO E 208 42.78 12.45 1.92
C PRO E 208 43.01 10.95 1.60
N PHE E 209 43.32 10.69 0.33
CA PHE E 209 43.69 9.37 -0.15
C PHE E 209 45.17 9.58 -0.40
N VAL E 210 46.03 9.08 0.49
CA VAL E 210 47.46 9.27 0.34
C VAL E 210 48.25 8.04 -0.08
N MET E 211 49.42 8.30 -0.67
CA MET E 211 50.32 7.26 -1.12
C MET E 211 51.73 7.64 -0.71
N LYS E 212 52.50 6.64 -0.30
CA LYS E 212 53.87 6.87 0.11
C LYS E 212 54.80 6.59 -1.06
N SER E 213 55.57 7.60 -1.42
CA SER E 213 56.47 7.46 -2.54
C SER E 213 57.72 6.67 -2.19
N PRO E 214 58.00 5.63 -2.98
CA PRO E 214 59.16 4.75 -2.84
C PRO E 214 60.46 5.47 -3.21
N PHE E 215 60.32 6.57 -3.96
CA PHE E 215 61.46 7.35 -4.40
C PHE E 215 62.01 8.32 -3.35
N ASN E 216 61.15 9.07 -2.68
CA ASN E 216 61.62 10.03 -1.69
C ASN E 216 61.07 9.88 -0.28
N ASN E 217 60.32 8.80 -0.03
CA ASN E 217 59.76 8.51 1.29
C ASN E 217 58.73 9.51 1.85
N ARG E 218 58.10 10.28 0.97
CA ARG E 218 57.10 11.26 1.38
C ARG E 218 55.69 10.78 1.07
N TRP E 219 54.72 11.30 1.81
CA TRP E 219 53.34 10.96 1.55
C TRP E 219 52.78 12.02 0.64
N TYR E 220 52.04 11.58 -0.36
CA TYR E 220 51.43 12.49 -1.30
C TYR E 220 49.92 12.30 -1.29
N GLN E 221 49.19 13.39 -1.33
CA GLN E 221 47.75 13.23 -1.38
C GLN E 221 47.34 13.19 -2.83
N MET E 222 47.00 11.99 -3.31
CA MET E 222 46.60 11.82 -4.70
C MET E 222 45.12 12.04 -4.85
N GLY E 223 44.36 11.84 -3.80
CA GLY E 223 42.92 12.03 -3.97
C GLY E 223 42.21 12.60 -2.77
N ILE E 224 40.93 12.88 -2.99
CA ILE E 224 40.02 13.43 -1.98
C ILE E 224 38.73 12.58 -1.98
N VAL E 225 38.39 11.99 -0.82
CA VAL E 225 37.15 11.18 -0.73
C VAL E 225 36.03 12.05 -1.25
N SER E 226 35.37 11.57 -2.29
CA SER E 226 34.34 12.38 -2.91
C SER E 226 32.95 11.78 -2.95
N TRP E 227 32.81 10.59 -3.52
CA TRP E 227 31.52 9.93 -3.59
C TRP E 227 31.58 8.41 -3.71
N GLY E 228 30.42 7.79 -3.69
CA GLY E 228 30.31 6.34 -3.79
C GLY E 228 28.84 5.96 -3.64
N GLU E 229 28.48 4.73 -4.00
CA GLU E 229 27.11 4.29 -3.86
C GLU E 229 27.10 3.27 -2.75
N GLY E 230 26.47 3.65 -1.64
CA GLY E 230 26.47 2.81 -0.45
C GLY E 230 27.91 2.85 0.02
N CYS E 231 28.30 1.92 0.90
CA CYS E 231 29.68 1.87 1.40
C CYS E 231 30.05 0.39 1.39
N ASP E 232 31.22 0.06 0.87
CA ASP E 232 31.73 -1.29 0.81
C ASP E 232 30.81 -2.34 0.15
N ARG E 233 29.98 -1.92 -0.80
CA ARG E 233 29.09 -2.81 -1.56
C ARG E 233 29.96 -3.57 -2.56
N ASP E 234 29.63 -4.84 -2.85
CA ASP E 234 30.42 -5.61 -3.83
C ASP E 234 30.23 -5.11 -5.26
N GLY E 235 31.33 -5.05 -6.00
CA GLY E 235 31.24 -4.56 -7.37
C GLY E 235 31.13 -3.04 -7.44
N LYS E 236 31.23 -2.38 -6.28
CA LYS E 236 31.12 -0.93 -6.19
C LYS E 236 32.45 -0.37 -5.69
N TYR E 237 32.78 0.85 -6.07
CA TYR E 237 34.06 1.40 -5.66
C TYR E 237 33.93 2.83 -5.14
N GLY E 238 34.83 3.21 -4.23
CA GLY E 238 34.78 4.57 -3.75
C GLY E 238 35.38 5.48 -4.82
N PHE E 239 34.82 6.68 -4.98
CA PHE E 239 35.37 7.62 -5.95
C PHE E 239 36.10 8.77 -5.26
N TYR E 240 37.23 9.15 -5.85
CA TYR E 240 38.07 10.20 -5.32
C TYR E 240 38.34 11.31 -6.33
N THR E 241 38.43 12.53 -5.83
CA THR E 241 38.76 13.67 -6.68
C THR E 241 40.26 13.52 -6.99
N HIS E 242 40.61 13.60 -8.26
CA HIS E 242 41.98 13.46 -8.72
C HIS E 242 42.71 14.80 -8.42
N VAL E 243 43.52 14.83 -7.36
CA VAL E 243 44.21 16.04 -6.97
C VAL E 243 45.18 16.66 -8.00
N PHE E 244 46.01 15.83 -8.64
CA PHE E 244 46.94 16.39 -9.61
C PHE E 244 46.19 17.04 -10.76
N ARG E 245 45.09 16.42 -11.17
CA ARG E 245 44.31 16.95 -12.28
C ARG E 245 43.74 18.31 -11.99
N LEU E 246 43.64 18.67 -10.73
CA LEU E 246 43.06 19.95 -10.33
C LEU E 246 44.09 20.91 -9.70
N LYS E 247 45.35 20.50 -9.76
CA LYS E 247 46.48 21.23 -9.19
C LYS E 247 46.73 22.64 -9.74
N LYS E 248 46.35 22.88 -10.99
CA LYS E 248 46.54 24.22 -11.54
C LYS E 248 45.60 25.18 -10.83
N TRP E 249 44.35 24.77 -10.63
CA TRP E 249 43.40 25.60 -9.92
C TRP E 249 43.90 25.81 -8.48
N ILE E 250 44.34 24.75 -7.80
CA ILE E 250 44.83 24.90 -6.43
C ILE E 250 45.93 25.97 -6.35
N GLN E 251 46.92 25.86 -7.24
CA GLN E 251 48.04 26.82 -7.29
C GLN E 251 47.58 28.24 -7.62
N LYS E 252 46.66 28.41 -8.58
CA LYS E 252 46.18 29.75 -8.89
C LYS E 252 45.55 30.37 -7.64
N VAL E 253 44.68 29.62 -6.98
CA VAL E 253 44.03 30.12 -5.78
C VAL E 253 45.06 30.52 -4.72
N ILE E 254 45.95 29.62 -4.38
CA ILE E 254 46.94 29.91 -3.37
C ILE E 254 47.87 31.08 -3.69
N ASP E 255 48.23 31.25 -4.95
CA ASP E 255 49.13 32.33 -5.37
C ASP E 255 48.39 33.66 -5.49
N GLN E 256 47.10 33.61 -5.77
CA GLN E 256 46.32 34.83 -5.92
C GLN E 256 45.70 35.29 -4.61
N PHE E 257 45.56 34.38 -3.65
CA PHE E 257 44.95 34.73 -2.38
C PHE E 257 45.77 34.37 -1.16
N GLY E 258 47.07 34.10 -1.36
CA GLY E 258 47.93 33.75 -0.25
C GLY E 258 48.16 34.92 0.69
N MET F 1 26.99 -17.30 -10.78
CA MET F 1 26.12 -16.12 -10.54
C MET F 1 26.37 -15.54 -9.15
N ILE F 2 25.68 -14.46 -8.82
CA ILE F 2 25.83 -13.80 -7.54
C ILE F 2 25.10 -14.58 -6.44
N VAL F 3 25.84 -15.39 -5.70
CA VAL F 3 25.27 -16.19 -4.62
C VAL F 3 25.78 -15.69 -3.28
N THR F 4 24.87 -15.53 -2.32
CA THR F 4 25.23 -15.05 -0.99
C THR F 4 24.54 -15.87 0.10
N LYS F 5 25.20 -16.96 0.52
CA LYS F 5 24.63 -17.80 1.57
C LYS F 5 25.21 -17.43 2.93
N ASP F 6 26.50 -17.10 2.95
CA ASP F 6 27.17 -16.72 4.19
C ASP F 6 27.00 -15.25 4.53
N TYR F 7 26.05 -14.96 5.41
CA TYR F 7 25.77 -13.60 5.87
C TYR F 7 26.89 -13.20 6.84
N SER F 8 26.64 -12.19 7.67
CA SER F 8 27.63 -11.76 8.67
C SER F 8 27.30 -12.57 9.92
N LYS F 9 28.33 -12.93 10.68
CA LYS F 9 28.14 -13.75 11.87
C LYS F 9 27.87 -13.00 13.18
N GLU F 10 27.64 -11.70 13.12
CA GLU F 10 27.40 -11.01 14.38
C GLU F 10 25.95 -10.96 14.81
N SER F 11 25.02 -11.12 13.88
CA SER F 11 23.62 -11.07 14.26
C SER F 11 23.18 -12.25 15.13
N ARG F 12 22.26 -11.98 16.04
CA ARG F 12 21.72 -12.98 16.92
C ARG F 12 20.45 -13.56 16.34
N VAL F 13 20.02 -13.10 15.17
CA VAL F 13 18.80 -13.64 14.61
C VAL F 13 19.00 -15.09 14.17
N ASN F 14 18.02 -15.95 14.45
CA ASN F 14 18.15 -17.33 14.04
C ASN F 14 17.95 -17.40 12.56
N GLU F 15 18.87 -18.07 11.90
CA GLU F 15 18.86 -18.20 10.45
C GLU F 15 17.56 -18.66 9.84
N ASN F 16 16.69 -19.31 10.61
CA ASN F 16 15.44 -19.73 10.00
C ASN F 16 14.27 -18.80 10.31
N SER F 17 14.50 -17.81 11.16
CA SER F 17 13.43 -16.87 11.49
C SER F 17 12.85 -16.21 10.24
N LYS F 18 13.68 -15.92 9.25
CA LYS F 18 13.19 -15.26 8.05
C LYS F 18 12.28 -16.15 7.21
N TYR F 19 12.29 -17.47 7.45
CA TYR F 19 11.40 -18.33 6.65
C TYR F 19 10.02 -18.45 7.28
N GLY F 20 9.82 -17.75 8.40
CA GLY F 20 8.55 -17.76 9.09
C GLY F 20 7.45 -17.03 8.35
N THR F 21 6.32 -16.84 8.99
CA THR F 21 5.20 -16.18 8.37
C THR F 21 5.44 -14.67 8.16
N LEU F 22 5.28 -14.18 6.94
CA LEU F 22 5.49 -12.76 6.66
C LEU F 22 4.38 -11.89 7.25
N ILE F 23 4.75 -10.72 7.77
CA ILE F 23 3.79 -9.75 8.32
C ILE F 23 3.08 -9.07 7.16
N SER F 24 1.80 -8.78 7.28
CA SER F 24 1.07 -8.09 6.22
C SER F 24 1.72 -6.69 6.06
N ASP F 25 1.80 -6.23 4.83
CA ASP F 25 2.46 -4.97 4.54
C ASP F 25 2.07 -3.78 5.40
N TRP F 26 0.76 -3.54 5.57
CA TRP F 26 0.28 -2.40 6.38
C TRP F 26 0.81 -2.42 7.81
N TYR F 27 1.01 -3.61 8.36
CA TYR F 27 1.51 -3.68 9.74
C TYR F 27 3.05 -3.66 9.79
N LEU F 28 3.66 -4.08 8.68
CA LEU F 28 5.10 -4.14 8.51
C LEU F 28 5.74 -2.74 8.68
N LYS F 29 5.13 -1.74 8.05
CA LYS F 29 5.62 -0.35 8.12
C LYS F 29 5.95 0.08 9.53
N GLY F 30 5.03 -0.16 10.47
CA GLY F 30 5.27 0.23 11.84
C GLY F 30 6.31 -0.64 12.53
N ARG F 31 6.53 -1.86 12.03
CA ARG F 31 7.56 -2.68 12.65
C ARG F 31 8.93 -2.20 12.18
N LEU F 32 9.05 -1.80 10.91
CA LEU F 32 10.34 -1.31 10.42
C LEU F 32 10.68 0.01 11.14
N THR F 33 9.69 0.89 11.26
CA THR F 33 9.89 2.18 11.96
C THR F 33 10.33 1.94 13.39
N SER F 34 9.72 0.95 14.05
CA SER F 34 10.10 0.62 15.43
C SER F 34 11.56 0.16 15.51
N LEU F 35 11.99 -0.59 14.50
CA LEU F 35 13.38 -1.09 14.47
C LEU F 35 14.36 0.07 14.25
N GLU F 36 14.02 0.94 13.31
CA GLU F 36 14.83 2.12 12.97
C GLU F 36 14.99 2.94 14.23
N SER F 37 13.89 3.08 14.96
CA SER F 37 13.91 3.85 16.22
C SER F 37 14.75 3.17 17.33
N GLN F 38 14.74 1.84 17.37
CA GLN F 38 15.55 1.14 18.38
C GLN F 38 17.03 1.32 18.11
N PHE F 39 17.39 1.34 16.83
CA PHE F 39 18.79 1.51 16.42
C PHE F 39 19.24 2.93 16.78
N ILE F 40 18.38 3.90 16.48
CA ILE F 40 18.70 5.29 16.76
C ILE F 40 18.96 5.43 18.23
N ASN F 41 18.10 4.85 19.06
CA ASN F 41 18.28 4.95 20.51
C ASN F 41 19.57 4.27 21.01
N ALA F 42 19.89 3.08 20.48
CA ALA F 42 21.09 2.37 20.91
C ALA F 42 22.34 3.16 20.49
N LEU F 43 22.34 3.68 19.27
CA LEU F 43 23.49 4.46 18.84
C LEU F 43 23.59 5.74 19.69
N GLY F 44 22.44 6.31 20.04
CA GLY F 44 22.45 7.52 20.85
C GLY F 44 23.05 7.29 22.20
N ILE F 45 22.78 6.14 22.79
CA ILE F 45 23.33 5.85 24.11
C ILE F 45 24.85 5.76 24.01
N LEU F 46 25.30 5.10 22.96
CA LEU F 46 26.72 4.89 22.71
C LEU F 46 27.46 6.22 22.56
N GLU F 47 26.81 7.17 21.89
CA GLU F 47 27.33 8.52 21.63
C GLU F 47 27.28 9.50 22.81
N THR F 48 26.71 9.10 23.93
CA THR F 48 26.62 9.97 25.12
C THR F 48 27.97 10.55 25.58
N TYR F 49 28.03 11.88 25.71
CA TYR F 49 29.26 12.57 26.08
C TYR F 49 29.96 11.93 27.24
N HIS F 50 29.19 11.59 28.27
CA HIS F 50 29.74 10.96 29.46
C HIS F 50 30.64 9.76 29.09
N TYR F 51 30.27 8.99 28.07
CA TYR F 51 31.07 7.81 27.70
C TYR F 51 32.27 8.09 26.79
N GLY F 52 32.58 9.37 26.54
CA GLY F 52 33.71 9.69 25.70
C GLY F 52 35.06 9.52 26.39
N GLU F 53 35.15 8.70 27.42
CA GLU F 53 36.43 8.50 28.09
C GLU F 53 37.03 7.19 27.59
N LYS F 54 38.34 7.09 27.67
CA LYS F 54 39.06 5.91 27.21
C LYS F 54 38.63 4.64 27.94
N GLU F 55 38.30 4.76 29.22
CA GLU F 55 37.88 3.60 30.00
C GLU F 55 36.63 2.92 29.47
N TYR F 56 35.88 3.60 28.60
CA TYR F 56 34.66 3.01 28.06
C TYR F 56 34.85 2.40 26.67
N LYS F 57 36.07 2.47 26.13
CA LYS F 57 36.33 1.96 24.79
C LYS F 57 35.83 0.55 24.52
N ASP F 58 36.23 -0.40 25.35
CA ASP F 58 35.81 -1.76 25.15
C ASP F 58 34.30 -1.90 25.19
N ALA F 59 33.69 -1.48 26.29
CA ALA F 59 32.26 -1.59 26.42
C ALA F 59 31.54 -1.00 25.20
N LYS F 60 32.10 0.08 24.67
CA LYS F 60 31.50 0.73 23.50
C LYS F 60 31.74 -0.05 22.24
N ASP F 61 32.94 -0.60 22.10
CA ASP F 61 33.28 -1.40 20.93
C ASP F 61 32.32 -2.58 20.84
N LYS F 62 32.11 -3.21 21.99
CA LYS F 62 31.23 -4.35 22.10
C LYS F 62 29.78 -4.01 21.73
N LEU F 63 29.28 -2.87 22.21
CA LEU F 63 27.92 -2.48 21.89
C LEU F 63 27.77 -2.14 20.41
N MET F 64 28.74 -1.42 19.87
CA MET F 64 28.73 -1.03 18.44
C MET F 64 28.74 -2.26 17.56
N THR F 65 29.49 -3.28 17.98
CA THR F 65 29.58 -4.53 17.23
C THR F 65 28.21 -5.15 17.19
N ARG F 66 27.56 -5.23 18.35
CA ARG F 66 26.22 -5.80 18.42
C ARG F 66 25.22 -4.97 17.59
N ILE F 67 25.27 -3.65 17.72
CA ILE F 67 24.35 -2.81 16.95
C ILE F 67 24.55 -2.95 15.45
N LEU F 68 25.80 -2.98 15.00
CA LEU F 68 26.06 -3.10 13.56
C LEU F 68 25.72 -4.48 13.05
N GLY F 69 25.88 -5.47 13.92
CA GLY F 69 25.55 -6.83 13.53
C GLY F 69 24.09 -6.94 13.20
N GLU F 70 23.24 -6.33 14.02
CA GLU F 70 21.82 -6.42 13.74
C GLU F 70 21.44 -5.52 12.56
N ASP F 71 22.17 -4.43 12.39
CA ASP F 71 21.88 -3.55 11.26
C ASP F 71 22.23 -4.26 9.95
N GLN F 72 23.39 -4.92 9.96
CA GLN F 72 23.87 -5.67 8.81
C GLN F 72 22.86 -6.75 8.48
N TYR F 73 22.30 -7.39 9.50
CA TYR F 73 21.27 -8.42 9.25
C TYR F 73 20.15 -7.84 8.40
N LEU F 74 19.64 -6.67 8.80
CA LEU F 74 18.54 -6.04 8.05
C LEU F 74 19.07 -5.59 6.66
N LEU F 75 20.27 -5.05 6.60
CA LEU F 75 20.81 -4.60 5.29
C LEU F 75 20.92 -5.82 4.34
N GLU F 76 21.45 -6.93 4.83
CA GLU F 76 21.55 -8.12 3.97
C GLU F 76 20.16 -8.61 3.55
N ARG F 77 19.18 -8.54 4.43
CA ARG F 77 17.83 -8.95 4.05
C ARG F 77 17.31 -8.04 2.94
N LYS F 78 17.55 -6.75 3.06
CA LYS F 78 17.09 -5.81 2.03
C LYS F 78 17.72 -6.11 0.67
N LYS F 79 19.01 -6.44 0.69
CA LYS F 79 19.70 -6.73 -0.56
C LYS F 79 19.14 -8.01 -1.20
N VAL F 80 18.90 -9.01 -0.38
CA VAL F 80 18.35 -10.25 -0.90
C VAL F 80 16.98 -9.96 -1.47
N GLN F 81 16.17 -9.23 -0.73
CA GLN F 81 14.83 -8.96 -1.22
C GLN F 81 14.76 -8.06 -2.45
N TYR F 82 15.70 -7.12 -2.58
CA TYR F 82 15.70 -6.22 -3.75
C TYR F 82 15.99 -7.03 -5.02
N GLU F 83 16.87 -8.02 -4.90
CA GLU F 83 17.19 -8.88 -6.04
C GLU F 83 15.93 -9.60 -6.49
N GLU F 84 15.18 -10.13 -5.54
CA GLU F 84 13.94 -10.81 -5.89
C GLU F 84 12.95 -9.83 -6.46
N TYR F 85 12.92 -8.62 -5.91
CA TYR F 85 12.00 -7.62 -6.38
C TYR F 85 12.25 -7.24 -7.84
N LYS F 86 13.52 -7.19 -8.25
CA LYS F 86 13.81 -6.83 -9.63
C LYS F 86 13.32 -7.90 -10.57
N LYS F 87 13.51 -9.16 -10.19
CA LYS F 87 13.03 -10.25 -11.03
C LYS F 87 11.52 -10.11 -11.11
N LEU F 88 10.87 -9.86 -9.98
CA LEU F 88 9.42 -9.72 -10.00
C LEU F 88 9.02 -8.54 -10.87
N TYR F 89 9.74 -7.43 -10.77
CA TYR F 89 9.41 -6.26 -11.58
C TYR F 89 9.48 -6.60 -13.08
N LYS F 90 10.50 -7.35 -13.47
CA LYS F 90 10.64 -7.72 -14.88
C LYS F 90 9.46 -8.57 -15.30
N LYS F 91 9.07 -9.52 -14.45
CA LYS F 91 7.94 -10.37 -14.80
C LYS F 91 6.69 -9.52 -14.94
N TYR F 92 6.53 -8.53 -14.03
CA TYR F 92 5.37 -7.64 -14.07
C TYR F 92 5.29 -6.85 -15.38
N LYS F 93 6.44 -6.44 -15.90
CA LYS F 93 6.44 -5.68 -17.16
C LYS F 93 6.10 -6.60 -18.33
N GLU F 94 6.64 -7.82 -18.32
CA GLU F 94 6.34 -8.78 -19.37
C GLU F 94 4.84 -9.00 -19.44
N GLU F 95 4.20 -8.97 -18.28
CA GLU F 95 2.75 -9.18 -18.18
C GLU F 95 1.92 -7.91 -18.44
N ASN F 96 2.49 -6.76 -18.13
CA ASN F 96 1.81 -5.48 -18.34
C ASN F 96 2.68 -4.55 -19.20
N PRO F 97 2.81 -4.86 -20.48
CA PRO F 97 3.62 -4.08 -21.43
C PRO F 97 3.30 -2.59 -21.50
N THR F 98 2.03 -2.23 -21.42
CA THR F 98 1.68 -0.83 -21.50
C THR F 98 1.99 -0.10 -20.20
N SER F 99 2.28 -0.85 -19.15
CA SER F 99 2.57 -0.26 -17.84
C SER F 99 3.75 0.71 -17.89
N LYS F 100 3.56 1.89 -17.32
CA LYS F 100 4.63 2.88 -17.31
C LYS F 100 5.22 3.06 -15.90
N VAL F 101 5.00 2.09 -15.03
CA VAL F 101 5.53 2.15 -13.67
C VAL F 101 7.03 1.86 -13.71
N LYS F 102 7.78 2.63 -12.93
CA LYS F 102 9.24 2.47 -12.90
C LYS F 102 9.72 1.64 -11.74
N MET F 103 10.74 0.83 -12.00
CA MET F 103 11.33 -0.02 -10.98
C MET F 103 12.06 0.87 -9.96
N LYS F 104 11.87 0.56 -8.69
CA LYS F 104 12.53 1.34 -7.65
C LYS F 104 14.01 1.05 -7.60
N THR F 105 14.77 2.03 -7.14
CA THR F 105 16.21 1.91 -6.99
C THR F 105 16.36 1.20 -5.65
N PHE F 106 17.56 0.73 -5.35
CA PHE F 106 17.81 0.05 -4.08
C PHE F 106 17.56 0.98 -2.89
N ASP F 107 17.82 2.27 -3.08
CA ASP F 107 17.65 3.23 -1.99
C ASP F 107 16.23 3.75 -1.86
N GLN F 108 15.40 3.48 -2.86
CA GLN F 108 14.01 3.90 -2.77
C GLN F 108 13.25 2.72 -2.17
N TYR F 109 13.78 1.54 -2.43
CA TYR F 109 13.18 0.30 -1.98
C TYR F 109 13.24 0.16 -0.50
N THR F 110 12.25 -0.51 0.07
CA THR F 110 12.25 -0.77 1.51
C THR F 110 11.94 -2.25 1.66
N ILE F 111 12.42 -2.82 2.76
CA ILE F 111 12.21 -4.24 3.07
C ILE F 111 10.75 -4.62 2.93
N GLU F 112 10.48 -5.69 2.17
CA GLU F 112 9.10 -6.14 1.98
C GLU F 112 8.72 -7.35 2.84
N ASP F 113 9.72 -8.10 3.27
CA ASP F 113 9.52 -9.34 4.04
C ASP F 113 10.13 -9.34 5.43
N LEU F 114 9.29 -9.48 6.44
CA LEU F 114 9.78 -9.56 7.79
C LEU F 114 8.81 -10.46 8.54
N THR F 115 9.31 -11.24 9.50
CA THR F 115 8.43 -12.12 10.27
C THR F 115 8.47 -11.60 11.70
N MET F 116 7.44 -11.88 12.48
CA MET F 116 7.44 -11.42 13.85
C MET F 116 8.60 -12.02 14.57
N ARG F 117 9.05 -13.21 14.15
CA ARG F 117 10.19 -13.79 14.86
C ARG F 117 11.46 -12.97 14.64
N GLU F 118 11.68 -12.47 13.42
CA GLU F 118 12.87 -11.63 13.14
C GLU F 118 12.78 -10.35 14.00
N TYR F 119 11.64 -9.68 13.94
CA TYR F 119 11.40 -8.48 14.72
C TYR F 119 11.70 -8.69 16.19
N ASN F 120 11.15 -9.75 16.78
CA ASN F 120 11.35 -10.03 18.21
C ASN F 120 12.78 -10.37 18.55
N GLU F 121 13.42 -11.11 17.67
CA GLU F 121 14.81 -11.47 17.90
C GLU F 121 15.72 -10.24 17.72
N LEU F 122 15.45 -9.41 16.73
CA LEU F 122 16.27 -8.17 16.52
C LEU F 122 16.09 -7.30 17.76
N THR F 123 14.82 -7.10 18.12
CA THR F 123 14.46 -6.28 19.28
C THR F 123 15.10 -6.79 20.56
N GLU F 124 15.09 -8.10 20.76
CA GLU F 124 15.71 -8.63 21.99
C GLU F 124 17.21 -8.57 21.91
N SER F 125 17.74 -8.69 20.70
CA SER F 125 19.17 -8.62 20.58
C SER F 125 19.66 -7.21 20.97
N LEU F 126 19.05 -6.17 20.40
CA LEU F 126 19.49 -4.81 20.75
C LEU F 126 19.32 -4.52 22.24
N LYS F 127 18.19 -4.93 22.80
CA LYS F 127 17.88 -4.72 24.20
C LYS F 127 18.95 -5.36 25.06
N SER F 128 19.28 -6.59 24.70
CA SER F 128 20.30 -7.32 25.43
C SER F 128 21.67 -6.64 25.28
N ALA F 129 21.96 -6.12 24.09
CA ALA F 129 23.23 -5.46 23.89
C ALA F 129 23.30 -4.22 24.77
N VAL F 130 22.21 -3.44 24.82
CA VAL F 130 22.21 -2.23 25.65
C VAL F 130 22.36 -2.62 27.13
N LYS F 131 21.57 -3.59 27.59
CA LYS F 131 21.66 -4.04 28.98
C LYS F 131 23.10 -4.42 29.34
N ASP F 132 23.79 -5.12 28.44
CA ASP F 132 25.18 -5.51 28.68
C ASP F 132 26.08 -4.27 28.77
N PHE F 133 25.81 -3.28 27.91
CA PHE F 133 26.61 -2.06 27.92
C PHE F 133 26.43 -1.34 29.23
N GLU F 134 25.19 -1.30 29.72
CA GLU F 134 24.91 -0.63 30.99
C GLU F 134 25.61 -1.35 32.14
N LYS F 135 25.73 -2.67 32.05
CA LYS F 135 26.41 -3.43 33.09
C LYS F 135 27.92 -3.17 33.01
N ASP F 136 28.47 -3.15 31.80
CA ASP F 136 29.91 -2.90 31.64
C ASP F 136 30.25 -1.53 32.20
N VAL F 137 29.35 -0.56 31.95
CA VAL F 137 29.51 0.82 32.41
C VAL F 137 29.54 0.87 33.94
N GLU F 138 28.57 0.21 34.55
CA GLU F 138 28.49 0.17 36.02
C GLU F 138 29.77 -0.43 36.61
N ILE F 139 30.35 -1.40 35.92
CA ILE F 139 31.57 -2.02 36.41
C ILE F 139 32.73 -1.05 36.21
N ILE F 140 32.75 -0.37 35.07
CA ILE F 140 33.80 0.61 34.84
C ILE F 140 33.77 1.74 35.89
N GLU F 141 32.58 2.17 36.26
CA GLU F 141 32.46 3.25 37.21
C GLU F 141 32.68 2.87 38.67
N ASN F 142 32.57 1.57 39.00
CA ASN F 142 32.82 1.12 40.37
C ASN F 142 34.32 1.04 40.55
N GLN F 143 35.00 0.89 39.43
CA GLN F 143 36.44 0.82 39.41
C GLN F 143 37.09 2.22 39.42
N HIS F 144 36.60 3.12 38.57
CA HIS F 144 37.13 4.49 38.48
C HIS F 144 36.14 5.47 39.06
N HIS F 145 36.34 5.89 40.30
CA HIS F 145 35.39 6.80 40.95
C HIS F 145 35.24 8.20 40.36
N ASP F 146 36.24 8.67 39.62
CA ASP F 146 36.12 9.98 38.99
C ASP F 146 35.15 9.88 37.80
N LEU F 147 34.70 8.68 37.47
CA LEU F 147 33.77 8.46 36.35
C LEU F 147 32.32 8.25 36.81
N LYS F 148 32.17 8.01 38.10
CA LYS F 148 30.86 7.76 38.73
C LYS F 148 29.99 8.99 38.56
N PRO F 149 28.73 8.82 38.12
CA PRO F 149 27.94 10.04 37.97
C PRO F 149 27.66 10.80 39.26
N PHE F 150 27.67 12.13 39.16
CA PHE F 150 27.40 12.98 40.31
C PHE F 150 25.91 12.88 40.66
N THR F 151 25.58 13.15 41.91
CA THR F 151 24.16 13.26 42.27
C THR F 151 23.77 14.59 41.54
N ASP F 152 22.48 14.87 41.45
CA ASP F 152 21.98 16.06 40.80
C ASP F 152 22.58 17.35 41.39
N GLU F 153 22.73 17.36 42.71
CA GLU F 153 23.27 18.52 43.38
C GLU F 153 24.75 18.74 43.05
N MET F 154 25.54 17.69 43.12
CA MET F 154 26.96 17.81 42.80
C MET F 154 27.16 18.22 41.34
N GLU F 155 26.29 17.74 40.46
CA GLU F 155 26.39 18.10 39.06
C GLU F 155 26.07 19.59 38.87
N GLU F 156 25.05 20.07 39.59
CA GLU F 156 24.66 21.46 39.47
C GLU F 156 25.82 22.35 39.95
N LYS F 157 26.48 21.95 41.02
CA LYS F 157 27.60 22.74 41.54
C LYS F 157 28.81 22.73 40.60
N ALA F 158 29.09 21.56 40.03
CA ALA F 158 30.22 21.41 39.11
C ALA F 158 29.92 22.20 37.84
N THR F 159 28.70 22.05 37.34
CA THR F 159 28.28 22.76 36.14
C THR F 159 28.38 24.29 36.35
N ALA F 160 28.12 24.76 37.56
CA ALA F 160 28.18 26.20 37.79
C ALA F 160 29.63 26.68 37.80
N ARG F 161 30.53 25.88 38.33
CA ARG F 161 31.91 26.30 38.33
C ARG F 161 32.39 26.39 36.87
N VAL F 162 31.97 25.42 36.06
CA VAL F 162 32.35 25.37 34.67
C VAL F 162 31.78 26.55 33.90
N ASP F 163 30.51 26.85 34.12
CA ASP F 163 29.89 27.95 33.40
C ASP F 163 30.50 29.29 33.80
N ASP F 164 30.82 29.45 35.08
CA ASP F 164 31.42 30.68 35.53
C ASP F 164 32.81 30.90 34.85
N LEU F 165 33.62 29.84 34.81
CA LEU F 165 34.94 29.94 34.20
C LEU F 165 34.74 30.30 32.73
N ALA F 166 33.77 29.67 32.10
CA ALA F 166 33.50 29.97 30.69
C ALA F 166 33.06 31.43 30.49
N ASN F 167 32.35 31.97 31.48
CA ASN F 167 31.87 33.34 31.33
C ASN F 167 33.01 34.37 31.47
N LYS F 168 34.07 34.01 32.19
CA LYS F 168 35.23 34.89 32.30
C LYS F 168 35.90 34.87 30.91
N ALA F 169 35.91 33.69 30.27
CA ALA F 169 36.50 33.58 28.96
C ALA F 169 35.68 34.43 28.01
N TYR F 170 34.37 34.45 28.17
CA TYR F 170 33.54 35.25 27.27
C TYR F 170 33.81 36.76 27.43
N SER F 171 34.17 37.18 28.64
CA SER F 171 34.49 38.58 28.90
C SER F 171 35.77 38.93 28.13
N VAL F 172 36.77 38.07 28.24
CA VAL F 172 38.01 38.33 27.53
C VAL F 172 37.66 38.47 26.05
N TYR F 173 36.88 37.52 25.55
CA TYR F 173 36.49 37.56 24.14
C TYR F 173 35.80 38.88 23.80
N PHE F 174 34.86 39.31 24.64
CA PHE F 174 34.14 40.56 24.36
C PHE F 174 35.06 41.78 24.47
N ALA F 175 36.04 41.72 25.35
CA ALA F 175 36.97 42.83 25.54
C ALA F 175 37.98 42.96 24.40
N PHE F 176 38.06 41.98 23.52
CA PHE F 176 39.01 42.07 22.44
C PHE F 176 38.50 41.82 21.05
N VAL F 177 37.21 41.53 20.93
CA VAL F 177 36.63 41.26 19.63
C VAL F 177 36.54 42.51 18.71
N ARG F 178 36.61 43.70 19.28
CA ARG F 178 36.59 44.91 18.42
C ARG F 178 38.00 45.50 18.29
N ASP F 179 38.95 44.83 18.90
CA ASP F 179 40.34 45.25 18.90
C ASP F 179 41.03 44.62 17.66
N THR F 180 41.12 45.40 16.59
CA THR F 180 41.70 44.92 15.34
C THR F 180 42.96 44.05 15.49
N GLN F 181 43.83 44.40 16.44
CA GLN F 181 45.03 43.61 16.61
C GLN F 181 44.82 42.22 17.17
N HIS F 182 43.80 42.06 18.01
CA HIS F 182 43.56 40.76 18.64
C HIS F 182 42.23 40.10 18.29
N LYS F 183 41.54 40.61 17.29
CA LYS F 183 40.25 40.06 16.92
C LYS F 183 40.22 38.54 16.66
N THR F 184 41.09 38.07 15.79
CA THR F 184 41.13 36.66 15.44
C THR F 184 41.27 35.80 16.68
N GLU F 185 42.20 36.15 17.56
CA GLU F 185 42.40 35.37 18.75
C GLU F 185 41.17 35.40 19.63
N ALA F 186 40.41 36.49 19.54
CA ALA F 186 39.23 36.62 20.35
C ALA F 186 38.15 35.70 19.79
N LEU F 187 37.97 35.79 18.49
CA LEU F 187 37.00 34.99 17.79
C LEU F 187 37.25 33.52 18.00
N GLU F 188 38.52 33.12 18.04
CA GLU F 188 38.86 31.72 18.21
C GLU F 188 38.59 31.30 19.65
N LEU F 189 38.89 32.19 20.59
CA LEU F 189 38.64 31.94 22.01
C LEU F 189 37.18 31.60 22.20
N LYS F 190 36.32 32.44 21.62
CA LYS F 190 34.90 32.22 21.75
C LYS F 190 34.50 30.90 21.09
N ALA F 191 34.93 30.69 19.86
CA ALA F 191 34.61 29.46 19.15
C ALA F 191 35.07 28.22 19.91
N LYS F 192 36.25 28.30 20.52
CA LYS F 192 36.80 27.17 21.25
C LYS F 192 36.04 26.94 22.54
N VAL F 193 35.63 28.03 23.19
CA VAL F 193 34.85 27.91 24.41
C VAL F 193 33.51 27.28 24.05
N ASP F 194 32.90 27.73 22.96
CA ASP F 194 31.63 27.14 22.54
C ASP F 194 31.78 25.64 22.19
N LEU F 195 32.87 25.30 21.51
CA LEU F 195 33.12 23.94 21.11
C LEU F 195 33.19 22.99 22.31
N VAL F 196 33.98 23.31 23.34
CA VAL F 196 34.06 22.37 24.46
C VAL F 196 32.82 22.31 25.33
N LEU F 197 32.04 23.37 25.35
CA LEU F 197 30.83 23.42 26.15
C LEU F 197 29.71 22.60 25.52
N GLY F 198 29.62 22.63 24.20
CA GLY F 198 28.57 21.92 23.47
C GLY F 198 27.53 22.95 23.06
N ASP F 199 26.47 22.52 22.38
CA ASP F 199 25.40 23.42 21.96
C ASP F 199 24.76 24.09 23.18
N GLU F 200 24.45 25.38 23.08
CA GLU F 200 23.85 26.06 24.23
C GLU F 200 22.56 25.41 24.68
N ASP F 201 21.75 24.94 23.75
CA ASP F 201 20.48 24.32 24.11
C ASP F 201 20.60 22.89 24.67
N LYS F 202 21.80 22.30 24.62
CA LYS F 202 22.00 20.95 25.14
C LYS F 202 23.48 20.76 25.31
N PRO F 203 24.05 21.50 26.25
CA PRO F 203 25.47 21.41 26.52
C PRO F 203 25.90 20.07 27.08
N HIS F 204 27.19 19.78 27.00
CA HIS F 204 27.72 18.56 27.58
C HIS F 204 27.59 18.64 29.09
N ARG F 205 26.95 17.62 29.68
CA ARG F 205 26.80 17.63 31.12
C ARG F 205 28.11 17.38 31.83
N ILE F 206 28.27 18.06 32.95
CA ILE F 206 29.46 17.92 33.78
C ILE F 206 28.96 16.87 34.77
N SER F 207 28.92 15.63 34.29
CA SER F 207 28.34 14.55 35.07
C SER F 207 29.18 13.77 36.06
N ASN F 208 30.47 14.06 36.13
CA ASN F 208 31.31 13.35 37.08
C ASN F 208 32.56 14.15 37.39
N GLU F 209 33.36 13.68 38.33
CA GLU F 209 34.57 14.39 38.72
C GLU F 209 35.55 14.59 37.60
N ARG F 210 35.66 13.61 36.72
CA ARG F 210 36.61 13.71 35.65
C ARG F 210 36.26 14.81 34.66
N ILE F 211 35.01 14.86 34.25
CA ILE F 211 34.60 15.88 33.30
C ILE F 211 34.74 17.29 33.93
N GLU F 212 34.42 17.43 35.21
CA GLU F 212 34.55 18.73 35.87
C GLU F 212 36.02 19.15 35.82
N LYS F 213 36.88 18.25 36.28
CA LYS F 213 38.29 18.56 36.30
C LYS F 213 38.89 18.86 34.93
N GLU F 214 38.54 18.08 33.92
CA GLU F 214 39.10 18.27 32.59
C GLU F 214 38.46 19.42 31.83
N MET F 215 37.17 19.67 32.07
CA MET F 215 36.50 20.77 31.39
C MET F 215 37.08 22.10 31.91
N ILE F 216 37.35 22.13 33.21
CA ILE F 216 37.93 23.32 33.84
C ILE F 216 39.33 23.53 33.26
N LYS F 217 40.18 22.50 33.30
CA LYS F 217 41.52 22.61 32.75
C LYS F 217 41.46 22.99 31.26
N ASP F 218 40.52 22.41 30.52
CA ASP F 218 40.39 22.73 29.11
C ASP F 218 40.08 24.23 28.94
N LEU F 219 39.07 24.69 29.66
CA LEU F 219 38.68 26.10 29.59
C LEU F 219 39.83 27.00 30.01
N GLU F 220 40.54 26.65 31.08
CA GLU F 220 41.65 27.46 31.51
C GLU F 220 42.77 27.40 30.47
N SER F 221 42.96 26.26 29.82
CA SER F 221 44.01 26.13 28.83
C SER F 221 43.63 27.00 27.62
N ILE F 222 42.34 27.08 27.30
CA ILE F 222 41.85 27.88 26.17
C ILE F 222 42.02 29.41 26.41
N ILE F 223 41.81 29.84 27.65
CA ILE F 223 41.96 31.25 28.02
C ILE F 223 43.44 31.58 27.91
N GLU F 224 44.28 30.69 28.46
CA GLU F 224 45.71 30.86 28.41
C GLU F 224 46.19 30.91 26.95
N ASP F 225 45.60 30.12 26.05
CA ASP F 225 46.00 30.14 24.64
C ASP F 225 45.82 31.57 24.10
N PHE F 226 44.72 32.20 24.47
CA PHE F 226 44.43 33.53 23.97
C PHE F 226 45.54 34.48 24.39
N PHE F 227 45.94 34.42 25.66
CA PHE F 227 46.99 35.29 26.13
C PHE F 227 48.36 34.98 25.53
N ILE F 228 48.67 33.69 25.33
CA ILE F 228 49.94 33.29 24.75
C ILE F 228 50.07 33.78 23.33
N GLU F 229 49.00 33.63 22.55
CA GLU F 229 48.98 34.03 21.15
C GLU F 229 48.89 35.53 20.88
N THR F 230 48.26 36.28 21.77
CA THR F 230 48.14 37.71 21.56
C THR F 230 49.34 38.38 22.19
N GLY F 231 50.00 37.64 23.07
CA GLY F 231 51.15 38.21 23.76
C GLY F 231 50.73 39.08 24.93
N LEU F 232 49.43 39.10 25.25
CA LEU F 232 48.91 39.86 26.37
C LEU F 232 49.10 39.04 27.65
N ASN F 233 49.03 39.69 28.80
CA ASN F 233 49.18 39.00 30.09
C ASN F 233 47.82 38.68 30.70
N LYS F 234 47.74 37.54 31.37
CA LYS F 234 46.45 37.12 31.96
C LYS F 234 46.18 37.73 33.34
N PRO F 235 45.10 38.51 33.47
CA PRO F 235 44.77 39.13 34.76
C PRO F 235 44.28 38.09 35.78
N ASP F 236 44.68 38.27 37.04
CA ASP F 236 44.28 37.35 38.09
C ASP F 236 42.80 37.44 38.35
N ASN F 237 42.21 38.54 37.89
CA ASN F 237 40.80 38.78 38.08
C ASN F 237 40.07 39.20 36.85
N ILE F 238 39.05 38.43 36.50
CA ILE F 238 38.23 38.75 35.36
C ILE F 238 36.80 38.64 35.84
N THR F 239 36.00 39.64 35.52
CA THR F 239 34.60 39.63 35.89
C THR F 239 33.88 38.67 34.94
N SER F 240 33.15 37.70 35.51
CA SER F 240 32.42 36.73 34.67
C SER F 240 31.34 37.45 33.86
N TYR F 241 31.25 37.16 32.57
CA TYR F 241 30.23 37.77 31.73
C TYR F 241 28.86 37.29 32.24
N ASP F 242 27.89 38.19 32.21
CA ASP F 242 26.55 37.91 32.70
C ASP F 242 25.60 38.70 31.79
N SER F 243 24.95 37.96 30.89
CA SER F 243 24.03 38.55 29.93
C SER F 243 23.05 39.59 30.46
N SER F 244 22.53 39.37 31.67
CA SER F 244 21.55 40.29 32.22
C SER F 244 22.20 41.61 32.64
N LYS F 245 23.52 41.60 32.87
CA LYS F 245 24.23 42.81 33.27
C LYS F 245 25.10 43.39 32.17
N HIS F 246 25.54 42.55 31.24
CA HIS F 246 26.49 42.99 30.24
C HIS F 246 26.12 42.82 28.80
N HIS F 247 24.91 42.37 28.50
CA HIS F 247 24.53 42.17 27.11
C HIS F 247 24.81 43.40 26.27
N TYR F 248 25.58 43.22 25.20
CA TYR F 248 25.98 44.33 24.33
C TYR F 248 24.86 45.20 23.80
N LYS F 249 23.68 44.62 23.56
CA LYS F 249 22.56 45.40 23.06
C LYS F 249 21.53 45.74 24.14
N ASN F 250 21.32 44.82 25.07
CA ASN F 250 20.35 45.03 26.14
C ASN F 250 20.86 45.88 27.30
N HIS F 251 22.17 45.86 27.51
CA HIS F 251 22.81 46.63 28.59
C HIS F 251 24.11 47.23 28.07
N SER F 252 23.99 48.09 27.06
CA SER F 252 25.16 48.72 26.45
C SER F 252 26.14 49.31 27.45
N GLU F 253 25.62 50.08 28.40
CA GLU F 253 26.51 50.65 29.37
C GLU F 253 27.26 49.55 30.13
N GLY F 254 26.54 48.52 30.56
CA GLY F 254 27.18 47.43 31.30
C GLY F 254 28.22 46.71 30.44
N PHE F 255 27.88 46.51 29.19
CA PHE F 255 28.78 45.87 28.27
C PHE F 255 30.10 46.66 28.24
N GLU F 256 29.99 47.94 27.90
CA GLU F 256 31.18 48.79 27.80
C GLU F 256 31.99 48.83 29.07
N ALA F 257 31.31 48.88 30.20
CA ALA F 257 32.01 48.89 31.46
C ALA F 257 32.81 47.59 31.67
N LEU F 258 32.27 46.44 31.21
CA LEU F 258 32.97 45.16 31.39
C LEU F 258 34.20 45.14 30.49
N VAL F 259 34.02 45.60 29.26
CA VAL F 259 35.11 45.64 28.31
C VAL F 259 36.25 46.50 28.88
N LYS F 260 35.92 47.72 29.30
CA LYS F 260 36.92 48.61 29.86
C LYS F 260 37.62 47.97 31.07
N GLU F 261 36.84 47.46 32.00
CA GLU F 261 37.42 46.87 33.17
C GLU F 261 38.32 45.68 32.81
N THR F 262 37.89 44.89 31.85
CA THR F 262 38.66 43.72 31.46
C THR F 262 39.93 44.15 30.75
N ARG F 263 39.79 45.09 29.83
CA ARG F 263 40.97 45.61 29.11
C ARG F 263 41.98 46.20 30.08
N GLU F 264 41.51 46.96 31.06
CA GLU F 264 42.43 47.56 32.01
C GLU F 264 43.11 46.52 32.86
N ALA F 265 42.38 45.49 33.25
CA ALA F 265 43.00 44.43 34.04
C ALA F 265 44.16 43.77 33.23
N VAL F 266 43.98 43.59 31.93
CA VAL F 266 45.02 42.97 31.11
C VAL F 266 46.25 43.90 31.10
N THR F 267 46.02 45.17 30.81
CA THR F 267 47.09 46.14 30.80
C THR F 267 47.90 46.05 32.08
N ASN F 268 47.21 45.97 33.22
CA ASN F 268 47.94 45.89 34.49
C ASN F 268 48.51 44.55 34.90
N ALA F 269 48.21 43.49 34.14
CA ALA F 269 48.71 42.18 34.50
C ALA F 269 50.19 41.96 34.20
N ASN F 270 50.86 41.19 35.05
CA ASN F 270 52.26 40.88 34.82
C ASN F 270 52.34 39.49 34.18
N ASP F 271 53.55 38.98 33.93
CA ASP F 271 53.64 37.70 33.26
C ASP F 271 53.85 36.49 34.13
N SER F 272 53.55 36.61 35.41
CA SER F 272 53.69 35.53 36.36
C SER F 272 52.92 34.24 35.95
N TRP F 273 51.74 34.43 35.39
CA TRP F 273 50.88 33.34 34.99
C TRP F 273 51.52 32.32 34.03
N LYS F 274 52.51 32.77 33.25
CA LYS F 274 53.18 31.90 32.29
C LYS F 274 53.88 30.69 32.91
N THR F 275 54.25 30.77 34.17
CA THR F 275 54.92 29.66 34.84
C THR F 275 53.91 28.67 35.46
N LYS F 276 52.61 28.88 35.22
CA LYS F 276 51.57 28.02 35.80
C LYS F 276 50.54 27.59 34.78
N THR F 277 50.83 27.70 33.50
CA THR F 277 49.83 27.32 32.53
C THR F 277 49.51 25.82 32.55
N VAL F 278 48.33 25.50 32.05
CA VAL F 278 47.91 24.12 32.00
C VAL F 278 48.76 23.38 30.96
N LYS F 279 48.87 23.97 29.78
CA LYS F 279 49.64 23.40 28.69
C LYS F 279 51.12 23.84 28.71
N LYS F 280 51.95 23.14 27.95
CA LYS F 280 53.36 23.52 27.86
C LYS F 280 53.40 24.34 26.57
N TYR F 281 53.99 25.53 26.61
CA TYR F 281 54.05 26.39 25.43
C TYR F 281 55.48 26.61 24.95
N GLY F 282 55.69 26.45 23.65
CA GLY F 282 57.02 26.63 23.10
C GLY F 282 58.08 26.03 24.01
#